data_4L1G
#
_entry.id   4L1G
#
_cell.length_a   92.657
_cell.length_b   92.657
_cell.length_c   242.947
_cell.angle_alpha   90.00
_cell.angle_beta   90.00
_cell.angle_gamma   90.00
#
_symmetry.space_group_name_H-M   'P 41 21 2'
#
loop_
_entity.id
_entity.type
_entity.pdbx_description
1 polymer 'Peptidoglycan N-acetylglucosamine deacetylase'
2 non-polymer 'SULFATE ION'
3 non-polymer 'ACETATE ION'
4 water water
#
_entity_poly.entity_id   1
_entity_poly.type   'polypeptide(L)'
_entity_poly.pdbx_seq_one_letter_code
;MFAPYQWGLERDVSYAYMPYNSFYYGDYINSLPYAYIPQNYEVQMKADDRGSWTPFSWVEKYAYAFSGPYNKAEVALTFD
DGPDLEFTPKILDKLKQHNVKATFFLLGENAEKFPNIVKRIANEGHVIGNHTYSHPNLAKVNEDEYRNQIIKTEEILNRL
AGYAPKFIRP(PXU)YGEILENQLKWATEQNFMIVQWSVDTVDWKGVSADTITNNVLGNSFPGSVILQHSTPGGHLQGSV
DALDKIIPQLKTKGARFVTLPSMFQTSKERKHHHHHH
;
_entity_poly.pdbx_strand_id   A,B,C,D
#
loop_
_chem_comp.id
_chem_comp.type
_chem_comp.name
_chem_comp.formula
ACT non-polymer 'ACETATE ION' 'C2 H3 O2 -1'
SO4 non-polymer 'SULFATE ION' 'O4 S -2'
#
# COMPACT_ATOMS: atom_id res chain seq x y z
N TRP A 53 -5.55 -5.31 -40.30
CA TRP A 53 -5.35 -4.97 -38.90
C TRP A 53 -6.65 -5.01 -38.12
N THR A 54 -6.91 -6.15 -37.47
CA THR A 54 -8.11 -6.33 -36.66
C THR A 54 -7.74 -6.71 -35.23
N PRO A 55 -7.26 -5.74 -34.44
CA PRO A 55 -6.80 -6.01 -33.08
C PRO A 55 -7.91 -6.55 -32.17
N PHE A 56 -9.16 -6.22 -32.46
CA PHE A 56 -10.26 -6.68 -31.63
C PHE A 56 -10.44 -8.20 -31.69
N SER A 57 -10.57 -8.73 -32.90
CA SER A 57 -10.77 -10.17 -33.06
C SER A 57 -9.55 -10.99 -32.63
N TRP A 58 -8.40 -10.32 -32.55
CA TRP A 58 -7.16 -10.99 -32.13
C TRP A 58 -7.15 -11.42 -30.66
N VAL A 59 -7.96 -10.78 -29.83
CA VAL A 59 -8.01 -11.14 -28.41
C VAL A 59 -8.79 -12.44 -28.21
N GLU A 60 -9.57 -12.82 -29.23
CA GLU A 60 -10.35 -14.05 -29.18
C GLU A 60 -9.59 -15.22 -29.78
N LYS A 61 -8.59 -14.92 -30.61
CA LYS A 61 -7.88 -15.95 -31.36
C LYS A 61 -6.49 -16.24 -30.83
N TYR A 62 -5.85 -15.22 -30.25
CA TYR A 62 -4.47 -15.36 -29.79
C TYR A 62 -4.30 -14.91 -28.33
N ALA A 63 -3.12 -15.19 -27.79
CA ALA A 63 -2.76 -14.69 -26.46
C ALA A 63 -2.43 -13.21 -26.59
N TYR A 64 -3.45 -12.37 -26.47
CA TYR A 64 -3.35 -10.97 -26.83
C TYR A 64 -4.42 -10.16 -26.10
N ALA A 65 -4.01 -9.10 -25.41
CA ALA A 65 -4.96 -8.27 -24.66
C ALA A 65 -4.51 -6.83 -24.52
N PHE A 66 -5.47 -5.93 -24.29
CA PHE A 66 -5.19 -4.52 -24.08
C PHE A 66 -5.35 -4.16 -22.60
N SER A 67 -6.22 -4.89 -21.93
CA SER A 67 -6.54 -4.64 -20.53
C SER A 67 -7.01 -5.93 -19.85
N GLY A 68 -7.31 -5.86 -18.57
CA GLY A 68 -7.62 -7.05 -17.80
C GLY A 68 -9.06 -7.17 -17.31
N PRO A 69 -9.29 -8.08 -16.34
CA PRO A 69 -10.62 -8.40 -15.82
C PRO A 69 -11.35 -7.20 -15.26
N TYR A 70 -12.60 -7.04 -15.68
CA TYR A 70 -13.43 -5.90 -15.27
C TYR A 70 -13.97 -6.05 -13.84
N ASN A 71 -13.93 -7.28 -13.31
CA ASN A 71 -14.49 -7.57 -12.00
C ASN A 71 -13.44 -7.75 -10.90
N LYS A 72 -12.24 -7.24 -11.16
CA LYS A 72 -11.20 -7.18 -10.14
C LYS A 72 -10.82 -5.71 -9.94
N ALA A 73 -10.64 -5.32 -8.68
CA ALA A 73 -10.24 -3.94 -8.37
C ALA A 73 -8.76 -3.75 -8.58
N GLU A 74 -8.27 -4.13 -9.75
CA GLU A 74 -6.83 -4.18 -10.01
C GLU A 74 -6.44 -3.47 -11.30
N VAL A 75 -5.33 -2.73 -11.25
CA VAL A 75 -4.75 -2.12 -12.43
C VAL A 75 -3.28 -2.48 -12.50
N ALA A 76 -2.65 -2.24 -13.64
CA ALA A 76 -1.26 -2.62 -13.82
C ALA A 76 -0.41 -1.48 -14.38
N LEU A 77 0.65 -1.14 -13.65
CA LEU A 77 1.65 -0.20 -14.15
C LEU A 77 2.67 -0.96 -14.99
N THR A 78 2.95 -0.44 -16.18
CA THR A 78 4.00 -1.01 -17.03
C THR A 78 4.93 0.07 -17.53
N PHE A 79 6.21 -0.28 -17.71
CA PHE A 79 7.22 0.68 -18.13
C PHE A 79 8.05 0.13 -19.29
N ASP A 80 8.16 0.92 -20.36
CA ASP A 80 8.82 0.47 -21.59
C ASP A 80 10.21 1.05 -21.79
N ASP A 81 11.04 0.32 -22.54
CA ASP A 81 12.33 0.79 -23.08
C ASP A 81 13.53 0.72 -22.12
N GLY A 82 13.31 0.21 -20.92
CA GLY A 82 14.39 0.09 -19.95
C GLY A 82 15.33 -1.06 -20.28
N PRO A 83 16.39 -1.22 -19.47
CA PRO A 83 16.72 -0.34 -18.36
C PRO A 83 17.51 0.88 -18.80
N ASP A 84 17.67 1.83 -17.91
CA ASP A 84 18.55 2.97 -18.15
C ASP A 84 19.22 3.36 -16.84
N LEU A 85 20.10 4.36 -16.89
CA LEU A 85 20.86 4.78 -15.72
C LEU A 85 20.10 5.71 -14.79
N GLU A 86 19.18 6.49 -15.34
CA GLU A 86 18.51 7.51 -14.54
C GLU A 86 17.08 7.14 -14.11
N PHE A 87 16.20 6.94 -15.08
CA PHE A 87 14.77 6.80 -14.79
C PHE A 87 14.38 5.48 -14.15
N THR A 88 14.92 4.37 -14.64
CA THR A 88 14.62 3.06 -14.06
C THR A 88 14.91 2.95 -12.55
N PRO A 89 16.09 3.41 -12.08
CA PRO A 89 16.30 3.36 -10.64
C PRO A 89 15.32 4.25 -9.86
N LYS A 90 15.00 5.42 -10.40
CA LYS A 90 14.06 6.33 -9.73
C LYS A 90 12.67 5.73 -9.63
N ILE A 91 12.23 5.09 -10.72
CA ILE A 91 10.95 4.42 -10.76
C ILE A 91 10.90 3.31 -9.72
N LEU A 92 11.97 2.53 -9.65
CA LEU A 92 12.07 1.44 -8.69
C LEU A 92 11.93 1.93 -7.24
N ASP A 93 12.55 3.08 -6.96
CA ASP A 93 12.48 3.66 -5.62
C ASP A 93 11.06 4.10 -5.27
N LYS A 94 10.39 4.74 -6.22
CA LYS A 94 9.03 5.20 -5.98
C LYS A 94 8.03 4.05 -5.89
N LEU A 95 8.22 3.02 -6.70
CA LEU A 95 7.39 1.82 -6.61
C LEU A 95 7.58 1.14 -5.26
N LYS A 96 8.83 1.15 -4.78
CA LYS A 96 9.17 0.56 -3.50
C LYS A 96 8.47 1.27 -2.34
N GLN A 97 8.52 2.61 -2.35
CA GLN A 97 7.97 3.40 -1.27
C GLN A 97 6.44 3.46 -1.28
N HIS A 98 5.83 2.92 -2.34
CA HIS A 98 4.38 2.85 -2.40
C HIS A 98 3.89 1.40 -2.31
N ASN A 99 4.83 0.48 -2.05
CA ASN A 99 4.52 -0.94 -1.86
C ASN A 99 3.80 -1.55 -3.07
N VAL A 100 4.24 -1.21 -4.27
CA VAL A 100 3.63 -1.76 -5.47
C VAL A 100 4.64 -2.46 -6.39
N LYS A 101 4.19 -3.51 -7.06
CA LYS A 101 4.98 -4.17 -8.07
C LYS A 101 4.48 -3.74 -9.45
N ALA A 102 5.38 -3.68 -10.42
CA ALA A 102 5.01 -3.32 -11.77
C ALA A 102 5.64 -4.28 -12.77
N THR A 103 5.42 -4.01 -14.06
CA THR A 103 5.95 -4.85 -15.11
C THR A 103 6.85 -4.01 -16.02
N PHE A 104 8.04 -4.53 -16.30
CA PHE A 104 9.01 -3.81 -17.11
C PHE A 104 9.29 -4.51 -18.44
N PHE A 105 8.91 -3.86 -19.54
CA PHE A 105 9.23 -4.37 -20.86
C PHE A 105 10.58 -3.81 -21.31
N LEU A 106 11.61 -4.66 -21.23
CA LEU A 106 12.98 -4.22 -21.44
C LEU A 106 13.46 -4.46 -22.86
N LEU A 107 14.23 -3.52 -23.40
CA LEU A 107 14.89 -3.69 -24.68
C LEU A 107 16.14 -4.54 -24.49
N GLY A 108 16.36 -5.47 -25.42
CA GLY A 108 17.52 -6.35 -25.36
C GLY A 108 18.84 -5.59 -25.36
N GLU A 109 18.95 -4.56 -26.18
CA GLU A 109 20.18 -3.80 -26.30
C GLU A 109 20.50 -2.99 -25.04
N ASN A 110 19.46 -2.55 -24.35
CA ASN A 110 19.65 -1.78 -23.12
C ASN A 110 19.99 -2.67 -21.94
N ALA A 111 19.49 -3.89 -21.97
CA ALA A 111 19.81 -4.88 -20.95
C ALA A 111 21.28 -5.26 -21.00
N GLU A 112 21.89 -5.16 -22.17
CA GLU A 112 23.31 -5.47 -22.34
C GLU A 112 24.19 -4.38 -21.74
N LYS A 113 23.74 -3.13 -21.88
CA LYS A 113 24.51 -1.98 -21.38
C LYS A 113 24.48 -1.90 -19.86
N PHE A 114 23.32 -2.20 -19.28
CA PHE A 114 23.15 -2.10 -17.83
C PHE A 114 22.53 -3.39 -17.27
N PRO A 115 23.33 -4.46 -17.23
CA PRO A 115 22.84 -5.80 -16.85
C PRO A 115 22.41 -5.87 -15.39
N ASN A 116 23.10 -5.13 -14.52
CA ASN A 116 22.82 -5.18 -13.09
C ASN A 116 21.47 -4.57 -12.72
N ILE A 117 21.03 -3.58 -13.49
CA ILE A 117 19.76 -2.92 -13.24
C ILE A 117 18.62 -3.87 -13.61
N VAL A 118 18.87 -4.71 -14.62
CA VAL A 118 17.93 -5.77 -14.98
C VAL A 118 17.80 -6.73 -13.80
N LYS A 119 18.94 -7.03 -13.17
CA LYS A 119 18.96 -7.90 -12.00
C LYS A 119 18.22 -7.28 -10.82
N ARG A 120 18.34 -5.96 -10.66
CA ARG A 120 17.68 -5.26 -9.57
C ARG A 120 16.16 -5.31 -9.70
N ILE A 121 15.67 -5.12 -10.93
CA ILE A 121 14.24 -5.19 -11.22
C ILE A 121 13.65 -6.53 -10.79
N ALA A 122 14.35 -7.61 -11.16
CA ALA A 122 13.91 -8.96 -10.81
C ALA A 122 14.02 -9.22 -9.32
N ASN A 123 15.08 -8.69 -8.69
CA ASN A 123 15.30 -8.91 -7.27
C ASN A 123 14.31 -8.17 -6.39
N GLU A 124 13.62 -7.18 -6.95
CA GLU A 124 12.67 -6.40 -6.17
C GLU A 124 11.22 -6.77 -6.45
N GLY A 125 11.01 -7.97 -6.97
CA GLY A 125 9.68 -8.53 -7.10
C GLY A 125 8.87 -8.08 -8.29
N HIS A 126 9.51 -7.35 -9.20
CA HIS A 126 8.82 -6.89 -10.40
C HIS A 126 8.93 -7.96 -11.49
N VAL A 127 8.06 -7.85 -12.50
CA VAL A 127 8.06 -8.81 -13.60
C VAL A 127 8.70 -8.16 -14.83
N ILE A 128 9.52 -8.94 -15.53
CA ILE A 128 10.20 -8.48 -16.73
C ILE A 128 9.53 -9.00 -17.99
N GLY A 129 9.34 -8.12 -18.97
CA GLY A 129 8.78 -8.52 -20.25
C GLY A 129 9.75 -8.29 -21.39
N ASN A 130 9.47 -8.91 -22.53
CA ASN A 130 10.31 -8.80 -23.72
C ASN A 130 9.83 -7.67 -24.63
N HIS A 131 10.68 -6.68 -24.87
CA HIS A 131 10.31 -5.52 -25.69
C HIS A 131 11.10 -5.45 -27.00
N THR A 132 11.54 -6.62 -27.48
CA THR A 132 12.47 -6.76 -28.61
C THR A 132 13.87 -6.26 -28.28
N TYR A 133 14.80 -6.46 -29.21
CA TYR A 133 16.20 -6.13 -29.01
C TYR A 133 16.52 -4.66 -29.28
N SER A 134 16.19 -4.18 -30.47
CA SER A 134 16.57 -2.82 -30.87
C SER A 134 15.38 -1.94 -31.23
N HIS A 135 14.21 -2.29 -30.72
CA HIS A 135 13.00 -1.46 -30.87
C HIS A 135 12.65 -1.13 -32.34
N PRO A 136 12.57 -2.14 -33.22
CA PRO A 136 12.16 -1.79 -34.57
C PRO A 136 10.64 -1.84 -34.72
N ASN A 137 10.12 -1.23 -35.78
CA ASN A 137 8.71 -1.34 -36.11
C ASN A 137 8.45 -2.72 -36.70
N LEU A 138 7.88 -3.60 -35.90
CA LEU A 138 7.69 -5.00 -36.29
C LEU A 138 6.80 -5.18 -37.52
N ALA A 139 5.96 -4.18 -37.80
CA ALA A 139 5.08 -4.24 -38.96
C ALA A 139 5.87 -4.16 -40.26
N LYS A 140 7.14 -3.78 -40.16
CA LYS A 140 7.97 -3.59 -41.35
C LYS A 140 9.04 -4.67 -41.52
N VAL A 141 9.16 -5.56 -40.54
CA VAL A 141 10.18 -6.61 -40.61
C VAL A 141 9.61 -7.94 -41.10
N ASN A 142 10.48 -8.80 -41.63
CA ASN A 142 10.07 -10.15 -41.99
C ASN A 142 10.11 -11.08 -40.77
N GLU A 143 9.57 -12.28 -40.93
CA GLU A 143 9.45 -13.23 -39.82
C GLU A 143 10.79 -13.58 -39.17
N ASP A 144 11.83 -13.73 -39.97
CA ASP A 144 13.16 -14.06 -39.46
C ASP A 144 13.69 -12.99 -38.52
N GLU A 145 13.55 -11.73 -38.93
CA GLU A 145 14.00 -10.61 -38.12
C GLU A 145 13.17 -10.48 -36.84
N TYR A 146 11.85 -10.62 -36.97
CA TYR A 146 10.95 -10.59 -35.83
C TYR A 146 11.31 -11.64 -34.80
N ARG A 147 11.43 -12.89 -35.25
CA ARG A 147 11.78 -13.98 -34.37
C ARG A 147 13.17 -13.81 -33.75
N ASN A 148 14.09 -13.29 -34.54
CA ASN A 148 15.44 -12.98 -34.05
C ASN A 148 15.41 -11.92 -32.95
N GLN A 149 14.61 -10.88 -33.15
CA GLN A 149 14.46 -9.80 -32.17
C GLN A 149 13.97 -10.35 -30.83
N ILE A 150 12.96 -11.20 -30.88
CA ILE A 150 12.37 -11.77 -29.67
C ILE A 150 13.31 -12.75 -28.99
N ILE A 151 13.84 -13.71 -29.75
CA ILE A 151 14.67 -14.77 -29.19
C ILE A 151 15.98 -14.27 -28.60
N LYS A 152 16.66 -13.38 -29.31
CA LYS A 152 17.89 -12.78 -28.82
C LYS A 152 17.65 -12.03 -27.51
N THR A 153 16.52 -11.34 -27.42
CA THR A 153 16.16 -10.61 -26.21
C THR A 153 15.82 -11.59 -25.09
N GLU A 154 15.13 -12.66 -25.44
CA GLU A 154 14.75 -13.69 -24.47
CA GLU A 154 14.75 -13.69 -24.48
C GLU A 154 15.98 -14.31 -23.82
N GLU A 155 16.98 -14.61 -24.64
CA GLU A 155 18.23 -15.21 -24.13
C GLU A 155 18.95 -14.28 -23.18
N ILE A 156 19.01 -13.01 -23.54
CA ILE A 156 19.66 -12.00 -22.70
C ILE A 156 18.97 -11.86 -21.35
N LEU A 157 17.64 -11.75 -21.39
CA LEU A 157 16.85 -11.57 -20.17
C LEU A 157 16.83 -12.82 -19.32
N ASN A 158 16.82 -13.99 -19.95
CA ASN A 158 16.86 -15.26 -19.23
C ASN A 158 18.13 -15.38 -18.41
N ARG A 159 19.25 -14.98 -19.01
CA ARG A 159 20.55 -15.05 -18.37
C ARG A 159 20.65 -14.10 -17.18
N LEU A 160 20.05 -12.92 -17.32
CA LEU A 160 20.13 -11.90 -16.28
C LEU A 160 19.07 -12.05 -15.21
N ALA A 161 17.85 -12.40 -15.60
CA ALA A 161 16.73 -12.45 -14.66
C ALA A 161 16.51 -13.84 -14.07
N GLY A 162 16.95 -14.88 -14.76
CA GLY A 162 16.82 -16.23 -14.26
C GLY A 162 15.60 -16.96 -14.80
N TYR A 163 14.90 -16.32 -15.73
CA TYR A 163 13.77 -16.96 -16.40
C TYR A 163 13.52 -16.33 -17.76
N ALA A 164 12.89 -17.09 -18.65
CA ALA A 164 12.51 -16.56 -19.96
C ALA A 164 11.14 -15.91 -19.87
N PRO A 165 11.06 -14.59 -20.08
CA PRO A 165 9.82 -13.83 -19.94
C PRO A 165 8.70 -14.32 -20.86
N LYS A 166 7.49 -14.47 -20.31
CA LYS A 166 6.35 -14.93 -21.09
C LYS A 166 5.70 -13.78 -21.84
N PHE A 167 5.89 -12.57 -21.34
CA PHE A 167 5.19 -11.40 -21.87
C PHE A 167 6.00 -10.61 -22.90
N ILE A 168 5.36 -10.31 -24.03
CA ILE A 168 5.95 -9.48 -25.07
C ILE A 168 5.11 -8.22 -25.25
N ARG A 169 5.76 -7.09 -25.49
CA ARG A 169 5.06 -5.90 -25.96
C ARG A 169 5.77 -5.33 -27.18
N PRO A 170 5.03 -5.16 -28.28
CA PRO A 170 5.62 -4.64 -29.52
C PRO A 170 5.75 -3.12 -29.50
N PXU A 171 6.99 -2.71 -29.80
CA PXU A 171 7.41 -1.34 -30.09
OA PXU A 171 7.66 -0.66 -28.92
CB PXU A 171 8.67 -1.47 -30.89
CG PXU A 171 9.13 -2.87 -30.66
CD PXU A 171 7.98 -3.57 -30.01
C PXU A 171 6.35 -0.61 -30.88
O PXU A 171 5.76 -1.27 -31.93
N TYR A 172 5.74 0.59 -30.49
CA TYR A 172 4.69 1.42 -31.07
C TYR A 172 3.37 0.66 -31.12
N GLY A 173 3.32 -0.50 -30.49
CA GLY A 173 2.13 -1.34 -30.50
C GLY A 173 1.88 -2.00 -31.83
N GLU A 174 2.90 -2.02 -32.69
CA GLU A 174 2.77 -2.58 -34.04
C GLU A 174 3.08 -4.07 -34.07
N ILE A 175 2.09 -4.87 -34.45
CA ILE A 175 2.28 -6.32 -34.56
C ILE A 175 1.46 -6.87 -35.74
N LEU A 176 2.01 -7.87 -36.43
CA LEU A 176 1.29 -8.54 -37.51
C LEU A 176 0.65 -9.82 -37.01
N GLU A 177 -0.36 -10.31 -37.71
CA GLU A 177 -1.10 -11.48 -37.25
C GLU A 177 -0.24 -12.73 -37.18
N ASN A 178 0.59 -12.96 -38.20
CA ASN A 178 1.48 -14.11 -38.21
C ASN A 178 2.53 -14.05 -37.12
N GLN A 179 2.94 -12.83 -36.77
CA GLN A 179 3.86 -12.63 -35.66
C GLN A 179 3.18 -12.98 -34.36
N LEU A 180 1.93 -12.56 -34.23
CA LEU A 180 1.14 -12.85 -33.04
C LEU A 180 0.82 -14.34 -32.96
N LYS A 181 0.59 -14.94 -34.13
CA LYS A 181 0.30 -16.38 -34.19
C LYS A 181 1.50 -17.20 -33.73
N TRP A 182 2.69 -16.82 -34.20
CA TRP A 182 3.92 -17.50 -33.78
C TRP A 182 4.15 -17.37 -32.28
N ALA A 183 3.96 -16.16 -31.75
CA ALA A 183 4.14 -15.92 -30.32
C ALA A 183 3.19 -16.75 -29.45
N THR A 184 1.94 -16.83 -29.88
CA THR A 184 0.95 -17.67 -29.19
C THR A 184 1.38 -19.13 -29.20
N GLU A 185 1.85 -19.62 -30.35
CA GLU A 185 2.30 -21.00 -30.48
C GLU A 185 3.53 -21.26 -29.62
N GLN A 186 4.32 -20.23 -29.38
CA GLN A 186 5.54 -20.36 -28.60
C GLN A 186 5.30 -20.08 -27.11
N ASN A 187 4.03 -20.05 -26.72
CA ASN A 187 3.64 -19.88 -25.32
C ASN A 187 3.99 -18.49 -24.75
N PHE A 188 4.03 -17.49 -25.62
CA PHE A 188 4.14 -16.11 -25.19
C PHE A 188 2.74 -15.54 -24.99
N MET A 189 2.66 -14.41 -24.27
CA MET A 189 1.45 -13.59 -24.30
C MET A 189 1.83 -12.15 -24.62
N ILE A 190 1.08 -11.55 -25.53
CA ILE A 190 1.34 -10.17 -25.92
C ILE A 190 0.33 -9.23 -25.29
N VAL A 191 0.82 -8.25 -24.55
CA VAL A 191 -0.06 -7.27 -23.91
C VAL A 191 0.26 -5.86 -24.36
N GLN A 192 -0.73 -5.17 -24.89
CA GLN A 192 -0.59 -3.78 -25.27
C GLN A 192 -0.86 -2.91 -24.04
N TRP A 193 -1.76 -1.95 -24.19
CA TRP A 193 -2.14 -1.08 -23.08
C TRP A 193 -3.50 -0.45 -23.34
N SER A 194 -4.07 0.17 -22.30
CA SER A 194 -5.38 0.80 -22.44
C SER A 194 -5.38 2.23 -21.90
N VAL A 195 -4.34 2.59 -21.16
CA VAL A 195 -4.16 3.96 -20.70
C VAL A 195 -2.77 4.48 -21.09
N ASP A 196 -2.74 5.45 -21.99
CA ASP A 196 -1.49 6.00 -22.47
C ASP A 196 -1.19 7.35 -21.83
N THR A 197 -0.08 7.43 -21.11
CA THR A 197 0.32 8.65 -20.42
C THR A 197 0.98 9.65 -21.36
N VAL A 198 1.31 9.20 -22.57
CA VAL A 198 2.13 9.94 -23.53
C VAL A 198 3.27 10.73 -22.86
N ASP A 199 3.92 10.08 -21.91
CA ASP A 199 4.95 10.72 -21.08
C ASP A 199 6.22 11.07 -21.84
N TRP A 200 6.43 10.44 -22.99
CA TRP A 200 7.60 10.70 -23.81
C TRP A 200 7.59 12.11 -24.39
N LYS A 201 6.41 12.73 -24.40
CA LYS A 201 6.28 14.10 -24.89
C LYS A 201 6.81 15.13 -23.90
N GLY A 202 7.21 14.66 -22.72
CA GLY A 202 7.76 15.53 -21.70
C GLY A 202 6.69 16.30 -20.94
N VAL A 203 5.47 15.79 -20.96
CA VAL A 203 4.36 16.40 -20.25
C VAL A 203 4.55 16.30 -18.72
N SER A 204 3.98 17.25 -17.99
CA SER A 204 4.22 17.37 -16.56
C SER A 204 3.57 16.26 -15.74
N ALA A 205 3.91 16.21 -14.46
CA ALA A 205 3.37 15.21 -13.55
C ALA A 205 1.86 15.38 -13.34
N ASP A 206 1.40 16.62 -13.29
CA ASP A 206 -0.02 16.90 -13.12
C ASP A 206 -0.83 16.49 -14.36
N THR A 207 -0.26 16.73 -15.53
CA THR A 207 -0.92 16.38 -16.78
C THR A 207 -1.09 14.86 -16.87
N ILE A 208 -0.01 14.13 -16.58
CA ILE A 208 -0.03 12.68 -16.61
C ILE A 208 -1.01 12.12 -15.59
N THR A 209 -1.00 12.68 -14.37
CA THR A 209 -1.87 12.22 -13.30
C THR A 209 -3.34 12.41 -13.63
N ASN A 210 -3.70 13.61 -14.12
CA ASN A 210 -5.08 13.89 -14.49
C ASN A 210 -5.54 13.00 -15.63
N ASN A 211 -4.62 12.70 -16.54
CA ASN A 211 -4.88 11.80 -17.66
C ASN A 211 -5.17 10.39 -17.15
N VAL A 212 -4.26 9.85 -16.35
CA VAL A 212 -4.40 8.49 -15.82
C VAL A 212 -5.66 8.32 -14.98
N LEU A 213 -5.89 9.24 -14.05
CA LEU A 213 -7.05 9.15 -13.17
C LEU A 213 -8.37 9.32 -13.90
N GLY A 214 -8.33 10.02 -15.03
CA GLY A 214 -9.53 10.26 -15.80
C GLY A 214 -9.88 9.11 -16.72
N ASN A 215 -8.91 8.24 -16.99
CA ASN A 215 -9.11 7.16 -17.96
C ASN A 215 -8.84 5.76 -17.44
N SER A 216 -8.62 5.63 -16.13
CA SER A 216 -8.34 4.33 -15.53
C SER A 216 -9.58 3.65 -14.97
N PHE A 217 -9.69 2.34 -15.24
CA PHE A 217 -10.82 1.54 -14.80
C PHE A 217 -10.26 0.22 -14.25
N PRO A 218 -11.12 -0.57 -13.57
CA PRO A 218 -10.70 -1.93 -13.23
C PRO A 218 -10.21 -2.68 -14.46
N GLY A 219 -8.98 -3.18 -14.40
CA GLY A 219 -8.40 -3.91 -15.52
C GLY A 219 -7.48 -3.08 -16.39
N SER A 220 -7.39 -1.78 -16.12
CA SER A 220 -6.57 -0.87 -16.93
C SER A 220 -5.08 -1.23 -16.92
N VAL A 221 -4.48 -1.25 -18.10
CA VAL A 221 -3.04 -1.38 -18.23
C VAL A 221 -2.46 -0.04 -18.65
N ILE A 222 -1.66 0.54 -17.76
CA ILE A 222 -1.11 1.88 -17.96
C ILE A 222 0.27 1.82 -18.62
N LEU A 223 0.53 2.74 -19.55
CA LEU A 223 1.80 2.78 -20.25
C LEU A 223 2.67 3.97 -19.85
N GLN A 224 3.84 3.68 -19.31
CA GLN A 224 4.86 4.70 -19.06
C GLN A 224 6.20 4.24 -19.65
N HIS A 225 7.19 5.13 -19.65
CA HIS A 225 8.48 4.82 -20.24
C HIS A 225 9.65 5.07 -19.29
N SER A 226 10.72 4.30 -19.47
CA SER A 226 11.98 4.56 -18.79
C SER A 226 13.10 4.52 -19.82
N THR A 227 12.87 5.21 -20.93
CA THR A 227 13.80 5.24 -22.06
C THR A 227 15.05 6.07 -21.73
N PRO A 228 16.24 5.51 -22.03
CA PRO A 228 17.49 6.26 -21.89
C PRO A 228 17.44 7.58 -22.65
N GLY A 229 17.79 8.67 -21.97
CA GLY A 229 17.82 9.99 -22.60
C GLY A 229 16.45 10.61 -22.83
N GLY A 230 15.40 9.95 -22.37
CA GLY A 230 14.05 10.44 -22.54
C GLY A 230 13.73 11.61 -21.63
N HIS A 231 12.69 12.36 -21.98
CA HIS A 231 12.22 13.45 -21.13
C HIS A 231 11.09 12.91 -20.25
N LEU A 232 11.46 12.26 -19.15
CA LEU A 232 10.50 11.45 -18.40
C LEU A 232 10.48 11.71 -16.89
N GLN A 233 11.06 12.82 -16.45
CA GLN A 233 11.10 13.12 -15.02
C GLN A 233 9.70 13.32 -14.44
N GLY A 234 8.85 14.01 -15.20
CA GLY A 234 7.48 14.23 -14.79
C GLY A 234 6.71 12.93 -14.70
N SER A 235 7.10 11.98 -15.53
CA SER A 235 6.47 10.66 -15.54
C SER A 235 6.81 9.92 -14.25
N VAL A 236 8.04 10.09 -13.79
CA VAL A 236 8.47 9.48 -12.54
C VAL A 236 7.74 10.14 -11.38
N ASP A 237 7.73 11.47 -11.37
CA ASP A 237 7.06 12.22 -10.31
C ASP A 237 5.56 11.96 -10.27
N ALA A 238 4.98 11.63 -11.42
CA ALA A 238 3.55 11.35 -11.51
C ALA A 238 3.13 10.20 -10.62
N LEU A 239 4.05 9.25 -10.42
CA LEU A 239 3.79 8.07 -9.60
C LEU A 239 3.40 8.42 -8.16
N ASP A 240 3.98 9.51 -7.65
CA ASP A 240 3.69 9.95 -6.28
C ASP A 240 2.23 10.40 -6.13
N LYS A 241 1.58 10.71 -7.26
CA LYS A 241 0.18 11.12 -7.24
C LYS A 241 -0.73 10.02 -7.74
N ILE A 242 -0.32 9.37 -8.83
CA ILE A 242 -1.12 8.34 -9.47
C ILE A 242 -1.45 7.18 -8.52
N ILE A 243 -0.45 6.68 -7.83
CA ILE A 243 -0.62 5.52 -6.97
C ILE A 243 -1.57 5.73 -5.79
N PRO A 244 -1.35 6.77 -4.96
CA PRO A 244 -2.29 6.93 -3.84
C PRO A 244 -3.69 7.35 -4.28
N GLN A 245 -3.80 8.15 -5.33
CA GLN A 245 -5.11 8.60 -5.80
C GLN A 245 -5.96 7.46 -6.34
N LEU A 246 -5.31 6.48 -7.00
CA LEU A 246 -6.02 5.31 -7.49
C LEU A 246 -6.38 4.37 -6.33
N LYS A 247 -5.45 4.23 -5.39
CA LYS A 247 -5.68 3.40 -4.20
C LYS A 247 -6.88 3.90 -3.40
N THR A 248 -7.06 5.22 -3.36
CA THR A 248 -8.18 5.83 -2.66
C THR A 248 -9.51 5.38 -3.26
N LYS A 249 -9.53 5.17 -4.56
CA LYS A 249 -10.73 4.73 -5.25
C LYS A 249 -10.92 3.22 -5.15
N GLY A 250 -10.05 2.57 -4.37
CA GLY A 250 -10.17 1.13 -4.13
C GLY A 250 -9.29 0.28 -5.03
N ALA A 251 -8.52 0.91 -5.91
CA ALA A 251 -7.66 0.19 -6.84
C ALA A 251 -6.44 -0.43 -6.16
N ARG A 252 -6.08 -1.63 -6.59
CA ARG A 252 -4.85 -2.27 -6.16
C ARG A 252 -3.96 -2.47 -7.40
N PHE A 253 -2.64 -2.44 -7.20
CA PHE A 253 -1.70 -2.57 -8.31
C PHE A 253 -1.13 -3.98 -8.39
N VAL A 254 -1.15 -4.54 -9.58
CA VAL A 254 -0.68 -5.91 -9.79
C VAL A 254 0.27 -5.99 -10.98
N THR A 255 0.92 -7.15 -11.13
CA THR A 255 1.75 -7.40 -12.30
C THR A 255 0.89 -8.05 -13.38
N LEU A 256 1.41 -8.09 -14.60
CA LEU A 256 0.68 -8.69 -15.71
C LEU A 256 0.35 -10.18 -15.53
N PRO A 257 1.34 -11.00 -15.12
CA PRO A 257 1.00 -12.42 -14.91
C PRO A 257 -0.09 -12.60 -13.87
N SER A 258 -0.14 -11.72 -12.88
CA SER A 258 -1.20 -11.75 -11.88
C SER A 258 -2.54 -11.33 -12.51
N MET A 259 -2.52 -10.25 -13.27
CA MET A 259 -3.73 -9.74 -13.92
C MET A 259 -4.32 -10.76 -14.89
N PHE A 260 -3.46 -11.45 -15.63
CA PHE A 260 -3.93 -12.38 -16.64
C PHE A 260 -3.84 -13.84 -16.21
N GLN A 261 -3.62 -14.03 -14.91
CA GLN A 261 -3.64 -15.36 -14.29
C GLN A 261 -2.78 -16.38 -15.04
N THR A 262 -1.53 -16.02 -15.26
CA THR A 262 -0.58 -16.94 -15.88
C THR A 262 0.80 -16.76 -15.29
N SER A 263 1.74 -17.59 -15.71
CA SER A 263 3.10 -17.51 -15.20
C SER A 263 3.82 -16.32 -15.81
N LYS A 264 4.87 -15.87 -15.13
CA LYS A 264 5.72 -14.81 -15.66
C LYS A 264 6.74 -15.38 -16.63
N GLU A 265 6.99 -16.68 -16.52
CA GLU A 265 7.97 -17.33 -17.39
C GLU A 265 7.29 -18.22 -18.43
N ARG A 266 7.97 -18.39 -19.56
CA ARG A 266 7.41 -19.10 -20.69
C ARG A 266 7.44 -20.61 -20.48
N TRP B 53 -16.33 6.61 -1.34
CA TRP B 53 -16.47 6.34 -2.76
C TRP B 53 -15.29 5.53 -3.28
N THR B 54 -15.44 4.20 -3.28
CA THR B 54 -14.40 3.30 -3.77
C THR B 54 -14.93 2.40 -4.88
N PRO B 55 -15.17 2.98 -6.06
CA PRO B 55 -15.81 2.27 -7.18
C PRO B 55 -15.06 1.02 -7.62
N PHE B 56 -13.73 1.03 -7.49
CA PHE B 56 -12.94 -0.12 -7.91
C PHE B 56 -13.28 -1.38 -7.11
N SER B 57 -13.22 -1.27 -5.79
CA SER B 57 -13.51 -2.44 -4.94
C SER B 57 -14.97 -2.90 -5.05
N TRP B 58 -15.84 -2.02 -5.51
CA TRP B 58 -17.26 -2.35 -5.65
C TRP B 58 -17.54 -3.38 -6.73
N VAL B 59 -16.66 -3.49 -7.72
CA VAL B 59 -16.87 -4.47 -8.79
C VAL B 59 -16.53 -5.89 -8.34
N GLU B 60 -15.92 -6.00 -7.16
CA GLU B 60 -15.60 -7.30 -6.58
C GLU B 60 -16.67 -7.74 -5.59
N LYS B 61 -17.47 -6.79 -5.12
CA LYS B 61 -18.43 -7.07 -4.05
C LYS B 61 -19.88 -7.07 -4.54
N TYR B 62 -20.15 -6.33 -5.60
CA TYR B 62 -21.52 -6.14 -6.07
C TYR B 62 -21.67 -6.34 -7.58
N ALA B 63 -22.92 -6.44 -8.02
CA ALA B 63 -23.22 -6.51 -9.45
C ALA B 63 -23.00 -5.12 -10.04
N TYR B 64 -21.76 -4.84 -10.40
CA TYR B 64 -21.32 -3.49 -10.71
C TYR B 64 -20.12 -3.55 -11.66
N ALA B 65 -20.17 -2.78 -12.75
CA ALA B 65 -19.08 -2.79 -13.72
C ALA B 65 -19.04 -1.52 -14.57
N PHE B 66 -17.87 -1.22 -15.11
CA PHE B 66 -17.67 -0.10 -16.01
C PHE B 66 -17.50 -0.59 -17.45
N SER B 67 -16.97 -1.81 -17.59
CA SER B 67 -16.70 -2.38 -18.90
C SER B 67 -16.77 -3.90 -18.85
N GLY B 68 -16.55 -4.55 -19.99
CA GLY B 68 -16.72 -5.99 -20.10
C GLY B 68 -15.45 -6.79 -20.34
N PRO B 69 -15.61 -8.09 -20.66
CA PRO B 69 -14.51 -9.03 -20.91
C PRO B 69 -13.49 -8.55 -21.94
N TYR B 70 -12.22 -8.68 -21.58
CA TYR B 70 -11.12 -8.20 -22.41
C TYR B 70 -10.78 -9.20 -23.53
N ASN B 71 -11.26 -10.43 -23.40
CA ASN B 71 -10.95 -11.48 -24.36
C ASN B 71 -12.07 -11.73 -25.35
N LYS B 72 -13.03 -10.81 -25.41
CA LYS B 72 -14.09 -10.86 -26.41
C LYS B 72 -14.01 -9.63 -27.31
N ALA B 73 -14.08 -9.84 -28.62
CA ALA B 73 -14.01 -8.73 -29.57
C ALA B 73 -15.31 -7.93 -29.61
N GLU B 74 -15.79 -7.54 -28.43
CA GLU B 74 -17.13 -6.98 -28.31
C GLU B 74 -17.17 -5.68 -27.51
N VAL B 75 -17.94 -4.72 -28.03
CA VAL B 75 -18.21 -3.47 -27.33
C VAL B 75 -19.71 -3.25 -27.25
N ALA B 76 -20.13 -2.29 -26.42
CA ALA B 76 -21.55 -2.04 -26.23
C ALA B 76 -21.90 -0.55 -26.32
N LEU B 77 -22.75 -0.21 -27.28
CA LEU B 77 -23.32 1.13 -27.35
C LEU B 77 -24.48 1.23 -26.37
N THR B 78 -24.50 2.28 -25.57
CA THR B 78 -25.61 2.52 -24.65
C THR B 78 -26.12 3.96 -24.80
N PHE B 79 -27.41 4.15 -24.56
CA PHE B 79 -28.03 5.46 -24.70
C PHE B 79 -28.89 5.83 -23.49
N ASP B 80 -28.67 7.01 -22.94
CA ASP B 80 -29.32 7.45 -21.71
C ASP B 80 -30.42 8.48 -21.95
N ASP B 81 -31.35 8.56 -20.99
CA ASP B 81 -32.39 9.59 -20.90
C ASP B 81 -33.57 9.45 -21.86
N GLY B 82 -33.59 8.39 -22.65
CA GLY B 82 -34.68 8.17 -23.58
C GLY B 82 -35.96 7.75 -22.88
N PRO B 83 -37.07 7.65 -23.65
CA PRO B 83 -37.10 7.98 -25.07
C PRO B 83 -37.45 9.44 -25.32
N ASP B 84 -37.27 9.89 -26.56
CA ASP B 84 -37.76 11.20 -26.98
C ASP B 84 -38.33 11.09 -28.39
N LEU B 85 -38.86 12.18 -28.91
CA LEU B 85 -39.51 12.15 -30.22
C LEU B 85 -38.53 12.34 -31.38
N GLU B 86 -37.39 12.97 -31.11
CA GLU B 86 -36.46 13.31 -32.19
C GLU B 86 -35.30 12.31 -32.34
N PHE B 87 -34.43 12.26 -31.34
CA PHE B 87 -33.18 11.51 -31.46
C PHE B 87 -33.34 10.00 -31.36
N THR B 88 -34.15 9.55 -30.41
CA THR B 88 -34.37 8.11 -30.22
C THR B 88 -34.86 7.37 -31.47
N PRO B 89 -35.86 7.93 -32.20
CA PRO B 89 -36.24 7.26 -33.45
C PRO B 89 -35.11 7.28 -34.49
N LYS B 90 -34.37 8.38 -34.54
CA LYS B 90 -33.26 8.51 -35.48
C LYS B 90 -32.16 7.50 -35.17
N ILE B 91 -31.88 7.32 -33.89
CA ILE B 91 -30.88 6.35 -33.46
C ILE B 91 -31.29 4.94 -33.84
N LEU B 92 -32.55 4.59 -33.55
CA LEU B 92 -33.08 3.28 -33.89
C LEU B 92 -32.97 2.97 -35.38
N ASP B 93 -33.19 3.98 -36.22
CA ASP B 93 -33.05 3.82 -37.66
C ASP B 93 -31.62 3.44 -38.03
N LYS B 94 -30.66 4.18 -37.51
CA LYS B 94 -29.25 3.95 -37.81
C LYS B 94 -28.74 2.61 -37.28
N LEU B 95 -29.21 2.22 -36.10
CA LEU B 95 -28.83 0.93 -35.52
C LEU B 95 -29.32 -0.22 -36.41
N LYS B 96 -30.57 -0.12 -36.86
CA LYS B 96 -31.15 -1.14 -37.71
C LYS B 96 -30.41 -1.25 -39.05
N GLN B 97 -30.07 -0.09 -39.61
CA GLN B 97 -29.34 -0.04 -40.89
C GLN B 97 -27.94 -0.62 -40.79
N HIS B 98 -27.43 -0.74 -39.57
CA HIS B 98 -26.09 -1.26 -39.33
C HIS B 98 -26.09 -2.65 -38.72
N ASN B 99 -27.30 -3.22 -38.57
CA ASN B 99 -27.47 -4.54 -37.95
C ASN B 99 -26.86 -4.58 -36.54
N VAL B 100 -27.15 -3.56 -35.75
CA VAL B 100 -26.57 -3.43 -34.42
C VAL B 100 -27.64 -3.34 -33.34
N LYS B 101 -27.48 -4.13 -32.28
CA LYS B 101 -28.33 -4.03 -31.10
C LYS B 101 -27.64 -3.20 -30.04
N ALA B 102 -28.42 -2.46 -29.25
CA ALA B 102 -27.87 -1.59 -28.22
C ALA B 102 -28.69 -1.66 -26.94
N THR B 103 -28.28 -0.91 -25.94
CA THR B 103 -28.95 -0.89 -24.66
C THR B 103 -29.42 0.53 -24.33
N PHE B 104 -30.70 0.67 -24.02
CA PHE B 104 -31.29 1.98 -23.74
C PHE B 104 -31.68 2.11 -22.28
N PHE B 105 -31.01 3.00 -21.57
CA PHE B 105 -31.38 3.30 -20.19
C PHE B 105 -32.44 4.41 -20.18
N LEU B 106 -33.69 4.00 -19.99
CA LEU B 106 -34.82 4.89 -20.14
C LEU B 106 -35.25 5.54 -18.84
N LEU B 107 -35.60 6.82 -18.92
CA LEU B 107 -36.21 7.53 -17.80
C LEU B 107 -37.69 7.19 -17.74
N GLY B 108 -38.17 6.87 -16.54
CA GLY B 108 -39.56 6.52 -16.34
C GLY B 108 -40.52 7.60 -16.80
N GLU B 109 -40.20 8.85 -16.47
CA GLU B 109 -41.08 9.97 -16.82
C GLU B 109 -41.21 10.15 -18.33
N ASN B 110 -40.15 9.81 -19.06
CA ASN B 110 -40.18 9.90 -20.51
C ASN B 110 -40.89 8.71 -21.14
N ALA B 111 -40.66 7.53 -20.56
CA ALA B 111 -41.25 6.29 -21.06
C ALA B 111 -42.78 6.31 -21.03
N GLU B 112 -43.36 6.84 -19.96
CA GLU B 112 -44.82 6.93 -19.85
C GLU B 112 -45.35 8.04 -20.73
N LYS B 113 -44.46 8.93 -21.16
CA LYS B 113 -44.80 10.04 -22.03
C LYS B 113 -44.82 9.60 -23.50
N PHE B 114 -43.88 8.73 -23.88
CA PHE B 114 -43.81 8.23 -25.25
C PHE B 114 -43.78 6.71 -25.30
N PRO B 115 -44.90 6.05 -24.97
CA PRO B 115 -44.95 4.58 -24.89
C PRO B 115 -44.64 3.87 -26.22
N ASN B 116 -44.96 4.50 -27.34
CA ASN B 116 -44.69 3.90 -28.66
C ASN B 116 -43.22 3.63 -28.89
N ILE B 117 -42.40 4.61 -28.54
CA ILE B 117 -40.96 4.53 -28.75
C ILE B 117 -40.35 3.42 -27.89
N VAL B 118 -40.87 3.26 -26.68
CA VAL B 118 -40.41 2.21 -25.79
C VAL B 118 -40.70 0.84 -26.40
N LYS B 119 -41.93 0.68 -26.90
CA LYS B 119 -42.32 -0.58 -27.54
C LYS B 119 -41.47 -0.85 -28.79
N ARG B 120 -41.07 0.20 -29.49
CA ARG B 120 -40.25 0.05 -30.69
C ARG B 120 -38.83 -0.42 -30.34
N ILE B 121 -38.28 0.12 -29.27
CA ILE B 121 -36.96 -0.29 -28.79
C ILE B 121 -36.93 -1.78 -28.48
N ALA B 122 -37.99 -2.26 -27.81
CA ALA B 122 -38.08 -3.66 -27.44
C ALA B 122 -38.38 -4.56 -28.64
N ASN B 123 -39.24 -4.09 -29.53
CA ASN B 123 -39.62 -4.85 -30.70
C ASN B 123 -38.46 -5.01 -31.70
N GLU B 124 -37.55 -4.04 -31.71
CA GLU B 124 -36.45 -4.05 -32.66
C GLU B 124 -35.18 -4.70 -32.10
N GLY B 125 -35.34 -5.48 -31.04
CA GLY B 125 -34.29 -6.36 -30.56
C GLY B 125 -33.26 -5.72 -29.64
N HIS B 126 -33.53 -4.51 -29.17
CA HIS B 126 -32.62 -3.86 -28.24
C HIS B 126 -32.98 -4.19 -26.80
N VAL B 127 -32.10 -3.83 -25.88
CA VAL B 127 -32.34 -4.10 -24.46
C VAL B 127 -32.66 -2.80 -23.71
N ILE B 128 -33.65 -2.87 -22.82
CA ILE B 128 -34.05 -1.72 -22.03
C ILE B 128 -33.52 -1.79 -20.60
N GLY B 129 -32.95 -0.68 -20.14
CA GLY B 129 -32.47 -0.59 -18.77
C GLY B 129 -33.22 0.47 -17.98
N ASN B 130 -33.06 0.42 -16.65
CA ASN B 130 -33.72 1.35 -15.74
C ASN B 130 -32.81 2.54 -15.43
N HIS B 131 -33.29 3.75 -15.71
CA HIS B 131 -32.48 4.96 -15.49
C HIS B 131 -33.12 5.88 -14.46
N THR B 132 -33.89 5.28 -13.54
CA THR B 132 -34.74 5.99 -12.57
C THR B 132 -35.91 6.69 -13.23
N TYR B 133 -36.75 7.31 -12.41
CA TYR B 133 -37.96 7.95 -12.90
C TYR B 133 -37.74 9.38 -13.37
N SER B 134 -37.18 10.21 -12.49
CA SER B 134 -37.04 11.63 -12.80
C SER B 134 -35.59 12.13 -12.77
N HIS B 135 -34.64 11.21 -12.93
CA HIS B 135 -33.23 11.55 -13.07
C HIS B 135 -32.62 12.36 -11.91
N PRO B 136 -32.81 11.91 -10.65
CA PRO B 136 -32.15 12.67 -9.60
C PRO B 136 -30.77 12.11 -9.31
N ASN B 137 -29.95 12.86 -8.58
CA ASN B 137 -28.68 12.34 -8.09
C ASN B 137 -28.97 11.36 -6.94
N LEU B 138 -28.85 10.07 -7.23
CA LEU B 138 -29.20 9.03 -6.26
C LEU B 138 -28.36 9.08 -4.98
N ALA B 139 -27.16 9.63 -5.08
CA ALA B 139 -26.28 9.76 -3.92
C ALA B 139 -26.77 10.83 -2.94
N LYS B 140 -27.83 11.54 -3.31
CA LYS B 140 -28.38 12.59 -2.47
C LYS B 140 -29.79 12.29 -1.96
N VAL B 141 -30.29 11.08 -2.23
CA VAL B 141 -31.63 10.71 -1.81
C VAL B 141 -31.62 9.66 -0.70
N ASN B 142 -32.72 9.58 0.07
CA ASN B 142 -32.83 8.55 1.08
C ASN B 142 -33.37 7.23 0.50
N GLU B 143 -33.38 6.18 1.31
CA GLU B 143 -33.77 4.85 0.84
C GLU B 143 -35.14 4.80 0.17
N ASP B 144 -36.11 5.48 0.79
CA ASP B 144 -37.47 5.52 0.24
C ASP B 144 -37.49 6.05 -1.18
N GLU B 145 -36.83 7.19 -1.40
CA GLU B 145 -36.84 7.82 -2.72
C GLU B 145 -36.06 7.00 -3.73
N TYR B 146 -34.93 6.45 -3.31
CA TYR B 146 -34.14 5.58 -4.16
C TYR B 146 -34.96 4.41 -4.69
N ARG B 147 -35.54 3.65 -3.76
CA ARG B 147 -36.35 2.48 -4.14
C ARG B 147 -37.55 2.86 -4.99
N ASN B 148 -38.15 4.00 -4.68
CA ASN B 148 -39.32 4.47 -5.41
C ASN B 148 -38.99 4.86 -6.85
N GLN B 149 -37.86 5.55 -7.03
CA GLN B 149 -37.40 5.92 -8.36
C GLN B 149 -37.22 4.69 -9.24
N ILE B 150 -36.63 3.64 -8.67
CA ILE B 150 -36.37 2.41 -9.39
C ILE B 150 -37.65 1.62 -9.66
N ILE B 151 -38.48 1.47 -8.62
CA ILE B 151 -39.69 0.67 -8.72
C ILE B 151 -40.72 1.25 -9.69
N LYS B 152 -40.97 2.55 -9.58
CA LYS B 152 -41.90 3.23 -10.50
C LYS B 152 -41.48 3.03 -11.95
N THR B 153 -40.19 3.21 -12.20
CA THR B 153 -39.66 3.03 -13.56
C THR B 153 -39.81 1.59 -14.00
N GLU B 154 -39.49 0.66 -13.11
CA GLU B 154 -39.62 -0.76 -13.42
C GLU B 154 -41.07 -1.13 -13.77
N GLU B 155 -42.03 -0.62 -12.98
CA GLU B 155 -43.44 -0.87 -13.24
C GLU B 155 -43.84 -0.38 -14.63
N ILE B 156 -43.42 0.85 -14.94
CA ILE B 156 -43.71 1.45 -16.24
C ILE B 156 -43.08 0.66 -17.39
N LEU B 157 -41.80 0.34 -17.26
CA LEU B 157 -41.08 -0.38 -18.32
C LEU B 157 -41.59 -1.81 -18.48
N ASN B 158 -41.98 -2.44 -17.38
CA ASN B 158 -42.56 -3.77 -17.44
C ASN B 158 -43.92 -3.77 -18.14
N ARG B 159 -44.69 -2.70 -17.91
CA ARG B 159 -45.99 -2.57 -18.54
CA ARG B 159 -45.99 -2.53 -18.55
C ARG B 159 -45.83 -2.36 -20.05
N LEU B 160 -44.77 -1.68 -20.45
CA LEU B 160 -44.55 -1.36 -21.86
C LEU B 160 -43.69 -2.37 -22.62
N ALA B 161 -42.62 -2.85 -21.99
CA ALA B 161 -41.68 -3.74 -22.66
C ALA B 161 -41.99 -5.23 -22.44
N GLY B 162 -42.67 -5.53 -21.34
CA GLY B 162 -43.05 -6.90 -21.04
C GLY B 162 -42.11 -7.60 -20.07
N TYR B 163 -41.13 -6.87 -19.56
CA TYR B 163 -40.22 -7.43 -18.56
C TYR B 163 -39.68 -6.36 -17.61
N ALA B 164 -39.23 -6.80 -16.44
CA ALA B 164 -38.56 -5.92 -15.49
C ALA B 164 -37.06 -5.91 -15.78
N PRO B 165 -36.54 -4.77 -16.27
CA PRO B 165 -35.13 -4.65 -16.62
C PRO B 165 -34.19 -4.93 -15.45
N LYS B 166 -33.24 -5.83 -15.67
CA LYS B 166 -32.24 -6.19 -14.67
C LYS B 166 -31.19 -5.10 -14.53
N PHE B 167 -30.93 -4.37 -15.62
CA PHE B 167 -29.87 -3.38 -15.62
C PHE B 167 -30.30 -1.98 -15.17
N ILE B 168 -29.44 -1.36 -14.37
CA ILE B 168 -29.65 0.00 -13.88
C ILE B 168 -28.41 0.83 -14.19
N ARG B 169 -28.62 2.08 -14.57
CA ARG B 169 -27.51 3.04 -14.63
C ARG B 169 -27.89 4.30 -13.86
N PRO B 170 -27.05 4.70 -12.90
CA PRO B 170 -27.30 5.89 -12.09
C PRO B 170 -27.07 7.15 -12.91
N PXU B 171 -28.03 8.05 -12.84
CA PXU B 171 -27.88 9.44 -13.25
OA PXU B 171 -27.80 9.51 -14.64
CB PXU B 171 -29.12 10.13 -12.79
CG PXU B 171 -30.06 9.05 -12.39
CD PXU B 171 -29.27 7.78 -12.46
C PXU B 171 -26.65 10.05 -12.65
O PXU B 171 -26.29 9.66 -11.38
N TYR B 172 -25.67 10.54 -13.52
CA TYR B 172 -24.39 11.18 -13.25
C TYR B 172 -23.37 10.16 -12.76
N GLY B 173 -23.69 8.88 -12.90
CA GLY B 173 -22.82 7.82 -12.41
C GLY B 173 -22.73 7.79 -10.90
N GLU B 174 -23.64 8.49 -10.23
CA GLU B 174 -23.61 8.64 -8.78
C GLU B 174 -24.46 7.59 -8.07
N ILE B 175 -23.83 6.79 -7.22
CA ILE B 175 -24.53 5.80 -6.43
C ILE B 175 -23.78 5.54 -5.11
N LEU B 176 -24.53 5.16 -4.08
CA LEU B 176 -23.94 4.87 -2.78
C LEU B 176 -23.77 3.36 -2.62
N GLU B 177 -22.88 2.95 -1.72
CA GLU B 177 -22.61 1.52 -1.52
C GLU B 177 -23.85 0.74 -1.06
N ASN B 178 -24.61 1.33 -0.13
CA ASN B 178 -25.84 0.70 0.36
C ASN B 178 -26.86 0.50 -0.73
N GLN B 179 -26.99 1.50 -1.61
CA GLN B 179 -27.88 1.40 -2.76
C GLN B 179 -27.41 0.28 -3.68
N LEU B 180 -26.10 0.17 -3.83
CA LEU B 180 -25.50 -0.87 -4.66
C LEU B 180 -25.74 -2.25 -4.05
N LYS B 181 -25.64 -2.33 -2.73
CA LYS B 181 -25.93 -3.57 -2.01
C LYS B 181 -27.39 -3.97 -2.18
N TRP B 182 -28.28 -3.00 -1.98
CA TRP B 182 -29.72 -3.23 -2.12
C TRP B 182 -30.07 -3.73 -3.52
N ALA B 183 -29.49 -3.10 -4.53
CA ALA B 183 -29.75 -3.47 -5.92
C ALA B 183 -29.27 -4.88 -6.21
N THR B 184 -28.08 -5.21 -5.73
CA THR B 184 -27.50 -6.53 -5.92
C THR B 184 -28.39 -7.61 -5.28
N GLU B 185 -28.88 -7.33 -4.09
CA GLU B 185 -29.75 -8.27 -3.38
C GLU B 185 -31.06 -8.48 -4.12
N GLN B 186 -31.50 -7.49 -4.88
CA GLN B 186 -32.74 -7.59 -5.63
C GLN B 186 -32.51 -8.10 -7.06
N ASN B 187 -31.33 -8.66 -7.30
CA ASN B 187 -30.96 -9.23 -8.60
C ASN B 187 -30.83 -8.20 -9.73
N PHE B 188 -30.52 -6.95 -9.37
CA PHE B 188 -30.21 -5.93 -10.36
C PHE B 188 -28.73 -6.02 -10.71
N MET B 189 -28.33 -5.34 -11.78
CA MET B 189 -26.92 -5.08 -12.02
C MET B 189 -26.73 -3.66 -12.50
N ILE B 190 -25.78 -2.95 -11.89
CA ILE B 190 -25.48 -1.59 -12.30
C ILE B 190 -24.30 -1.58 -13.26
N VAL B 191 -24.48 -0.93 -14.40
CA VAL B 191 -23.39 -0.75 -15.34
C VAL B 191 -23.17 0.74 -15.62
N GLN B 192 -21.94 1.20 -15.39
CA GLN B 192 -21.57 2.56 -15.73
C GLN B 192 -21.13 2.59 -17.19
N TRP B 193 -19.96 3.18 -17.43
CA TRP B 193 -19.42 3.26 -18.78
C TRP B 193 -17.90 3.43 -18.71
N SER B 194 -17.22 3.21 -19.84
CA SER B 194 -15.77 3.37 -19.89
C SER B 194 -15.34 4.33 -21.00
N VAL B 195 -16.28 4.66 -21.89
CA VAL B 195 -16.03 5.62 -22.96
C VAL B 195 -17.12 6.68 -23.00
N ASP B 196 -16.74 7.93 -22.74
CA ASP B 196 -17.69 9.02 -22.68
C ASP B 196 -17.58 9.93 -23.89
N THR B 197 -18.66 9.99 -24.68
CA THR B 197 -18.68 10.79 -25.89
C THR B 197 -18.90 12.28 -25.63
N VAL B 198 -19.22 12.61 -24.37
CA VAL B 198 -19.65 13.96 -23.96
C VAL B 198 -20.54 14.65 -25.00
N ASP B 199 -21.45 13.89 -25.60
CA ASP B 199 -22.24 14.35 -26.73
C ASP B 199 -23.26 15.43 -26.37
N TRP B 200 -23.60 15.51 -25.10
CA TRP B 200 -24.55 16.50 -24.61
C TRP B 200 -24.01 17.92 -24.77
N LYS B 201 -22.70 18.05 -24.98
CA LYS B 201 -22.08 19.35 -25.18
C LYS B 201 -22.36 19.90 -26.58
N GLY B 202 -22.98 19.10 -27.42
CA GLY B 202 -23.30 19.51 -28.77
C GLY B 202 -22.11 19.39 -29.71
N VAL B 203 -21.14 18.56 -29.32
CA VAL B 203 -19.93 18.35 -30.11
C VAL B 203 -20.26 17.65 -31.44
N SER B 204 -19.39 17.85 -32.43
CA SER B 204 -19.64 17.35 -33.77
C SER B 204 -19.51 15.84 -33.89
N ALA B 205 -19.94 15.30 -35.02
CA ALA B 205 -19.88 13.87 -35.28
C ALA B 205 -18.44 13.37 -35.42
N ASP B 206 -17.58 14.21 -35.99
CA ASP B 206 -16.18 13.84 -36.15
C ASP B 206 -15.44 13.87 -34.82
N THR B 207 -15.77 14.86 -33.99
CA THR B 207 -15.20 14.97 -32.65
C THR B 207 -15.54 13.73 -31.83
N ILE B 208 -16.81 13.35 -31.84
CA ILE B 208 -17.28 12.18 -31.13
C ILE B 208 -16.64 10.90 -31.69
N THR B 209 -16.62 10.80 -33.01
CA THR B 209 -16.05 9.63 -33.68
C THR B 209 -14.57 9.43 -33.35
N ASN B 210 -13.79 10.50 -33.39
CA ASN B 210 -12.38 10.44 -33.04
C ASN B 210 -12.19 10.02 -31.58
N ASN B 211 -13.05 10.55 -30.72
CA ASN B 211 -13.01 10.22 -29.30
C ASN B 211 -13.25 8.72 -29.06
N VAL B 212 -14.34 8.22 -29.63
CA VAL B 212 -14.71 6.82 -29.44
C VAL B 212 -13.64 5.86 -30.00
N LEU B 213 -13.19 6.13 -31.22
CA LEU B 213 -12.21 5.26 -31.87
C LEU B 213 -10.85 5.29 -31.17
N GLY B 214 -10.53 6.41 -30.54
CA GLY B 214 -9.28 6.55 -29.84
C GLY B 214 -9.29 5.92 -28.46
N ASN B 215 -10.47 5.71 -27.89
CA ASN B 215 -10.57 5.23 -26.51
C ASN B 215 -11.36 3.94 -26.32
N SER B 216 -11.70 3.28 -27.42
CA SER B 216 -12.46 2.04 -27.34
C SER B 216 -11.57 0.80 -27.42
N PHE B 217 -11.89 -0.18 -26.59
CA PHE B 217 -11.13 -1.42 -26.50
C PHE B 217 -12.11 -2.58 -26.42
N PRO B 218 -11.62 -3.82 -26.57
CA PRO B 218 -12.50 -4.96 -26.28
C PRO B 218 -13.07 -4.84 -24.87
N GLY B 219 -14.40 -4.79 -24.77
CA GLY B 219 -15.07 -4.67 -23.48
C GLY B 219 -15.62 -3.28 -23.20
N SER B 220 -15.30 -2.32 -24.05
CA SER B 220 -15.72 -0.94 -23.85
C SER B 220 -17.23 -0.77 -23.79
N VAL B 221 -17.68 0.01 -22.81
CA VAL B 221 -19.07 0.43 -22.72
C VAL B 221 -19.14 1.91 -23.07
N ILE B 222 -19.82 2.22 -24.18
CA ILE B 222 -19.85 3.58 -24.71
C ILE B 222 -21.12 4.30 -24.27
N LEU B 223 -20.97 5.54 -23.82
CA LEU B 223 -22.09 6.35 -23.37
C LEU B 223 -22.49 7.43 -24.37
N GLN B 224 -23.75 7.38 -24.79
CA GLN B 224 -24.35 8.44 -25.61
C GLN B 224 -25.73 8.78 -25.05
N HIS B 225 -26.35 9.84 -25.56
CA HIS B 225 -27.63 10.27 -25.03
C HIS B 225 -28.73 10.40 -26.10
N SER B 226 -29.97 10.25 -25.65
CA SER B 226 -31.14 10.54 -26.48
C SER B 226 -32.10 11.37 -25.66
N THR B 227 -31.54 12.35 -24.94
CA THR B 227 -32.29 13.22 -24.06
C THR B 227 -33.20 14.15 -24.84
N PRO B 228 -34.48 14.24 -24.43
CA PRO B 228 -35.42 15.20 -25.04
C PRO B 228 -34.89 16.63 -24.96
N GLY B 229 -34.83 17.30 -26.11
CA GLY B 229 -34.40 18.69 -26.14
C GLY B 229 -32.90 18.90 -26.17
N GLY B 230 -32.14 17.81 -26.04
CA GLY B 230 -30.69 17.91 -26.04
C GLY B 230 -30.12 18.27 -27.40
N HIS B 231 -28.84 18.64 -27.43
CA HIS B 231 -28.16 18.94 -28.68
C HIS B 231 -27.38 17.73 -29.12
N LEU B 232 -28.07 16.76 -29.72
CA LEU B 232 -27.50 15.44 -29.94
C LEU B 232 -27.51 14.98 -31.40
N GLN B 233 -27.71 15.91 -32.33
CA GLN B 233 -27.74 15.55 -33.74
C GLN B 233 -26.35 15.06 -34.21
N GLY B 234 -25.30 15.65 -33.65
CA GLY B 234 -23.95 15.23 -33.96
C GLY B 234 -23.71 13.81 -33.45
N SER B 235 -24.32 13.50 -32.32
CA SER B 235 -24.18 12.18 -31.71
C SER B 235 -24.87 11.09 -32.52
N VAL B 236 -26.01 11.44 -33.11
CA VAL B 236 -26.74 10.48 -33.93
C VAL B 236 -25.98 10.24 -35.24
N ASP B 237 -25.50 11.31 -35.85
CA ASP B 237 -24.74 11.20 -37.10
C ASP B 237 -23.43 10.47 -36.91
N ALA B 238 -22.88 10.56 -35.69
CA ALA B 238 -21.61 9.92 -35.37
C ALA B 238 -21.67 8.40 -35.56
N LEU B 239 -22.86 7.84 -35.33
CA LEU B 239 -23.06 6.39 -35.45
C LEU B 239 -22.71 5.86 -36.84
N ASP B 240 -22.90 6.67 -37.87
CA ASP B 240 -22.61 6.27 -39.25
C ASP B 240 -21.12 6.11 -39.50
N LYS B 241 -20.30 6.66 -38.60
CA LYS B 241 -18.85 6.55 -38.70
C LYS B 241 -18.31 5.56 -37.67
N ILE B 242 -18.75 5.74 -36.42
CA ILE B 242 -18.32 4.90 -35.30
C ILE B 242 -18.50 3.41 -35.56
N ILE B 243 -19.69 3.04 -36.02
CA ILE B 243 -20.01 1.63 -36.20
C ILE B 243 -19.13 0.91 -37.23
N PRO B 244 -19.08 1.41 -38.49
CA PRO B 244 -18.24 0.68 -39.45
C PRO B 244 -16.74 0.80 -39.17
N GLN B 245 -16.31 1.87 -38.52
CA GLN B 245 -14.89 2.03 -38.20
C GLN B 245 -14.45 1.09 -37.09
N LEU B 246 -15.34 0.79 -36.15
CA LEU B 246 -15.04 -0.19 -35.11
C LEU B 246 -15.11 -1.60 -35.66
N LYS B 247 -16.05 -1.83 -36.57
CA LYS B 247 -16.19 -3.13 -37.22
C LYS B 247 -14.99 -3.47 -38.09
N THR B 248 -14.40 -2.45 -38.72
CA THR B 248 -13.21 -2.64 -39.54
C THR B 248 -12.07 -3.17 -38.67
N LYS B 249 -12.03 -2.74 -37.42
CA LYS B 249 -11.02 -3.22 -36.48
C LYS B 249 -11.41 -4.57 -35.88
N GLY B 250 -12.55 -5.10 -36.32
CA GLY B 250 -12.96 -6.43 -35.90
C GLY B 250 -13.86 -6.45 -34.68
N ALA B 251 -14.32 -5.29 -34.26
CA ALA B 251 -15.22 -5.20 -33.11
C ALA B 251 -16.63 -5.58 -33.51
N ARG B 252 -17.34 -6.25 -32.59
CA ARG B 252 -18.75 -6.54 -32.77
C ARG B 252 -19.53 -5.83 -31.67
N PHE B 253 -20.78 -5.48 -31.96
CA PHE B 253 -21.60 -4.77 -30.99
C PHE B 253 -22.59 -5.71 -30.30
N VAL B 254 -22.59 -5.67 -28.96
CA VAL B 254 -23.49 -6.49 -28.17
C VAL B 254 -24.29 -5.64 -27.21
N THR B 255 -25.32 -6.24 -26.62
CA THR B 255 -26.09 -5.61 -25.56
C THR B 255 -25.41 -5.92 -24.23
N LEU B 256 -25.82 -5.23 -23.17
CA LEU B 256 -25.26 -5.48 -21.84
C LEU B 256 -25.51 -6.89 -21.29
N PRO B 257 -26.74 -7.44 -21.45
CA PRO B 257 -26.95 -8.82 -20.98
C PRO B 257 -26.03 -9.82 -21.65
N SER B 258 -25.76 -9.62 -22.94
CA SER B 258 -24.82 -10.47 -23.66
C SER B 258 -23.40 -10.26 -23.15
N MET B 259 -23.01 -8.99 -22.98
CA MET B 259 -21.66 -8.66 -22.55
C MET B 259 -21.34 -9.24 -21.17
N PHE B 260 -22.31 -9.16 -20.27
CA PHE B 260 -22.08 -9.62 -18.91
C PHE B 260 -22.70 -10.98 -18.63
N GLN B 261 -23.02 -11.70 -19.70
CA GLN B 261 -23.51 -13.08 -19.63
C GLN B 261 -24.64 -13.27 -18.62
N THR B 262 -25.67 -12.45 -18.73
CA THR B 262 -26.80 -12.53 -17.82
C THR B 262 -28.11 -12.18 -18.54
N SER B 263 -29.23 -12.33 -17.85
CA SER B 263 -30.53 -12.08 -18.44
C SER B 263 -30.84 -10.58 -18.51
N LYS B 264 -31.66 -10.19 -19.49
CA LYS B 264 -32.15 -8.82 -19.55
C LYS B 264 -33.25 -8.61 -18.51
N GLU B 265 -33.91 -9.69 -18.11
CA GLU B 265 -34.94 -9.64 -17.08
C GLU B 265 -34.32 -9.78 -15.70
N ARG B 266 -34.99 -9.20 -14.70
CA ARG B 266 -34.52 -9.29 -13.33
C ARG B 266 -35.07 -10.54 -12.63
N TRP C 53 6.90 10.77 33.23
CA TRP C 53 7.28 9.40 32.93
C TRP C 53 6.82 8.42 33.99
N THR C 54 6.90 7.13 33.68
CA THR C 54 6.56 6.07 34.63
C THR C 54 7.69 5.06 34.69
N PRO C 55 7.87 4.40 35.85
CA PRO C 55 8.97 3.45 36.04
C PRO C 55 8.99 2.33 35.01
N PHE C 56 10.18 1.99 34.52
CA PHE C 56 10.35 0.86 33.62
C PHE C 56 9.97 -0.43 34.31
N SER C 57 10.19 -0.48 35.63
CA SER C 57 10.02 -1.71 36.40
C SER C 57 8.59 -2.21 36.41
N TRP C 58 7.65 -1.34 36.06
CA TRP C 58 6.23 -1.71 36.03
C TRP C 58 5.91 -2.77 34.97
N VAL C 59 6.71 -2.83 33.90
CA VAL C 59 6.47 -3.82 32.85
C VAL C 59 6.80 -5.23 33.34
N GLU C 60 7.51 -5.31 34.47
CA GLU C 60 7.85 -6.59 35.06
C GLU C 60 6.88 -6.95 36.19
N LYS C 61 6.33 -5.92 36.82
CA LYS C 61 5.48 -6.10 38.00
C LYS C 61 4.00 -6.17 37.67
N TYR C 62 3.59 -5.45 36.62
CA TYR C 62 2.17 -5.36 36.28
C TYR C 62 1.88 -5.67 34.83
N ALA C 63 0.60 -5.73 34.49
CA ALA C 63 0.16 -5.87 33.11
C ALA C 63 0.30 -4.52 32.43
N TYR C 64 1.48 -4.24 31.92
CA TYR C 64 1.88 -2.90 31.53
C TYR C 64 2.98 -2.99 30.46
N ALA C 65 2.81 -2.24 29.37
CA ALA C 65 3.80 -2.28 28.29
C ALA C 65 3.81 -1.00 27.47
N PHE C 66 4.91 -0.76 26.77
CA PHE C 66 5.05 0.40 25.88
C PHE C 66 5.06 -0.05 24.43
N SER C 67 5.52 -1.29 24.21
CA SER C 67 5.66 -1.84 22.87
C SER C 67 5.65 -3.36 22.94
N GLY C 68 5.79 -4.03 21.79
CA GLY C 68 5.62 -5.46 21.73
C GLY C 68 6.85 -6.27 21.35
N PRO C 69 6.63 -7.57 21.05
CA PRO C 69 7.69 -8.53 20.69
C PRO C 69 8.62 -8.04 19.59
N TYR C 70 9.92 -8.16 19.83
CA TYR C 70 10.92 -7.69 18.88
C TYR C 70 11.16 -8.70 17.76
N ASN C 71 10.77 -9.94 17.98
CA ASN C 71 11.01 -11.00 17.00
C ASN C 71 9.80 -11.29 16.11
N LYS C 72 8.85 -10.36 16.12
CA LYS C 72 7.72 -10.41 15.20
C LYS C 72 7.76 -9.17 14.31
N ALA C 73 7.54 -9.37 13.01
CA ALA C 73 7.54 -8.26 12.06
C ALA C 73 6.20 -7.55 12.10
N GLU C 74 5.83 -7.06 13.29
CA GLU C 74 4.50 -6.51 13.49
C GLU C 74 4.52 -5.20 14.27
N VAL C 75 3.69 -4.25 13.83
CA VAL C 75 3.50 -3.00 14.53
C VAL C 75 2.01 -2.77 14.77
N ALA C 76 1.68 -1.80 15.62
CA ALA C 76 0.29 -1.54 15.97
C ALA C 76 -0.08 -0.07 15.85
N LEU C 77 -1.10 0.22 15.04
CA LEU C 77 -1.68 1.55 15.00
C LEU C 77 -2.74 1.67 16.08
N THR C 78 -2.66 2.73 16.88
CA THR C 78 -3.65 2.99 17.92
C THR C 78 -4.17 4.42 17.83
N PHE C 79 -5.43 4.61 18.22
CA PHE C 79 -6.05 5.93 18.13
C PHE C 79 -6.80 6.28 19.41
N ASP C 80 -6.53 7.47 19.95
CA ASP C 80 -7.14 7.90 21.20
C ASP C 80 -8.24 8.94 21.01
N ASP C 81 -9.07 9.09 22.05
CA ASP C 81 -10.07 10.16 22.17
C ASP C 81 -11.31 9.99 21.30
N GLY C 82 -11.39 8.88 20.57
CA GLY C 82 -12.55 8.61 19.75
C GLY C 82 -13.77 8.26 20.57
N PRO C 83 -14.95 8.18 19.93
CA PRO C 83 -15.11 8.51 18.51
C PRO C 83 -15.51 9.95 18.30
N ASP C 84 -15.50 10.39 17.05
CA ASP C 84 -16.03 11.70 16.67
C ASP C 84 -16.67 11.57 15.30
N LEU C 85 -17.34 12.63 14.84
CA LEU C 85 -18.08 12.57 13.59
C LEU C 85 -17.23 12.78 12.34
N GLU C 86 -16.01 13.28 12.54
CA GLU C 86 -15.18 13.64 11.40
C GLU C 86 -13.98 12.70 11.18
N PHE C 87 -13.07 12.68 12.14
CA PHE C 87 -11.81 11.97 11.96
C PHE C 87 -11.93 10.46 12.08
N THR C 88 -12.68 10.00 13.08
CA THR C 88 -12.88 8.56 13.28
C THR C 88 -13.43 7.83 12.03
N PRO C 89 -14.46 8.39 11.38
CA PRO C 89 -14.89 7.70 10.15
C PRO C 89 -13.84 7.75 9.06
N LYS C 90 -13.15 8.89 8.92
CA LYS C 90 -12.11 9.02 7.90
C LYS C 90 -10.96 8.05 8.15
N ILE C 91 -10.63 7.84 9.41
CA ILE C 91 -9.59 6.88 9.78
C ILE C 91 -10.04 5.46 9.41
N LEU C 92 -11.28 5.14 9.71
CA LEU C 92 -11.84 3.84 9.39
C LEU C 92 -11.84 3.54 7.89
N ASP C 93 -12.10 4.56 7.09
CA ASP C 93 -12.08 4.41 5.63
C ASP C 93 -10.67 4.09 5.15
N LYS C 94 -9.69 4.81 5.67
CA LYS C 94 -8.29 4.57 5.32
C LYS C 94 -7.87 3.16 5.70
N LEU C 95 -8.20 2.75 6.92
CA LEU C 95 -7.83 1.43 7.42
C LEU C 95 -8.46 0.32 6.61
N LYS C 96 -9.71 0.51 6.19
CA LYS C 96 -10.41 -0.49 5.37
C LYS C 96 -9.79 -0.59 3.98
N GLN C 97 -9.42 0.55 3.41
CA GLN C 97 -8.78 0.60 2.11
C GLN C 97 -7.49 -0.21 2.09
N HIS C 98 -6.66 -0.03 3.12
CA HIS C 98 -5.38 -0.70 3.22
C HIS C 98 -5.50 -2.08 3.85
N ASN C 99 -6.73 -2.50 4.13
CA ASN C 99 -7.01 -3.78 4.80
C ASN C 99 -6.21 -3.94 6.10
N VAL C 100 -6.20 -2.89 6.91
CA VAL C 100 -5.47 -2.89 8.17
C VAL C 100 -6.43 -2.77 9.36
N LYS C 101 -6.21 -3.59 10.38
CA LYS C 101 -6.98 -3.50 11.61
C LYS C 101 -6.19 -2.74 12.66
N ALA C 102 -6.89 -1.94 13.48
CA ALA C 102 -6.21 -1.14 14.50
C ALA C 102 -6.92 -1.21 15.86
N THR C 103 -6.45 -0.42 16.81
CA THR C 103 -7.01 -0.39 18.14
C THR C 103 -7.43 1.03 18.50
N PHE C 104 -8.67 1.17 18.97
CA PHE C 104 -9.22 2.49 19.30
C PHE C 104 -9.47 2.63 20.80
N PHE C 105 -8.76 3.55 21.43
CA PHE C 105 -9.00 3.85 22.84
C PHE C 105 -10.05 4.94 22.95
N LEU C 106 -11.28 4.53 23.23
CA LEU C 106 -12.43 5.42 23.17
C LEU C 106 -12.74 6.06 24.52
N LEU C 107 -13.14 7.33 24.49
CA LEU C 107 -13.61 8.02 25.68
C LEU C 107 -15.08 7.67 25.91
N GLY C 108 -15.43 7.39 27.17
CA GLY C 108 -16.79 7.03 27.53
C GLY C 108 -17.80 8.09 27.14
N GLU C 109 -17.46 9.36 27.37
CA GLU C 109 -18.40 10.45 27.09
C GLU C 109 -18.64 10.62 25.60
N ASN C 110 -17.62 10.34 24.79
CA ASN C 110 -17.77 10.44 23.34
C ASN C 110 -18.49 9.23 22.76
N ALA C 111 -18.29 8.07 23.39
CA ALA C 111 -18.97 6.85 22.98
C ALA C 111 -20.47 6.97 23.15
N GLU C 112 -20.90 7.74 24.15
CA GLU C 112 -22.31 8.00 24.38
C GLU C 112 -22.90 8.85 23.25
N LYS C 113 -22.16 9.86 22.83
CA LYS C 113 -22.63 10.80 21.82
C LYS C 113 -22.76 10.15 20.44
N PHE C 114 -21.80 9.30 20.09
CA PHE C 114 -21.80 8.69 18.75
C PHE C 114 -21.71 7.17 18.79
N PRO C 115 -22.79 6.52 19.28
CA PRO C 115 -22.78 5.06 19.45
C PRO C 115 -22.70 4.30 18.14
N ASN C 116 -23.24 4.86 17.07
CA ASN C 116 -23.19 4.20 15.76
C ASN C 116 -21.78 4.07 15.23
N ILE C 117 -20.96 5.09 15.49
CA ILE C 117 -19.56 5.07 15.08
C ILE C 117 -18.78 4.05 15.91
N VAL C 118 -19.17 3.92 17.17
CA VAL C 118 -18.57 2.90 18.03
C VAL C 118 -18.90 1.52 17.48
N LYS C 119 -20.14 1.34 17.03
CA LYS C 119 -20.57 0.08 16.46
C LYS C 119 -19.83 -0.22 15.15
N ARG C 120 -19.58 0.81 14.35
CA ARG C 120 -18.85 0.64 13.10
C ARG C 120 -17.41 0.18 13.35
N ILE C 121 -16.78 0.73 14.37
CA ILE C 121 -15.42 0.34 14.75
C ILE C 121 -15.35 -1.16 15.01
N ALA C 122 -16.31 -1.67 15.77
CA ALA C 122 -16.38 -3.09 16.09
C ALA C 122 -16.72 -3.94 14.87
N ASN C 123 -17.67 -3.46 14.07
CA ASN C 123 -18.13 -4.20 12.89
C ASN C 123 -17.05 -4.38 11.83
N GLU C 124 -16.07 -3.48 11.82
CA GLU C 124 -15.04 -3.50 10.79
C GLU C 124 -13.73 -4.13 11.24
N GLY C 125 -13.80 -4.94 12.31
CA GLY C 125 -12.70 -5.80 12.70
C GLY C 125 -11.65 -5.18 13.61
N HIS C 126 -11.95 -4.02 14.17
CA HIS C 126 -10.99 -3.34 15.06
C HIS C 126 -11.22 -3.69 16.52
N VAL C 127 -10.24 -3.36 17.35
CA VAL C 127 -10.35 -3.63 18.79
C VAL C 127 -10.57 -2.34 19.55
N ILE C 128 -11.51 -2.38 20.50
CA ILE C 128 -11.84 -1.20 21.28
C ILE C 128 -11.14 -1.25 22.64
N GLY C 129 -10.56 -0.13 23.04
CA GLY C 129 -9.91 -0.01 24.35
C GLY C 129 -10.60 1.03 25.22
N ASN C 130 -10.28 1.00 26.51
CA ASN C 130 -10.90 1.90 27.49
C ASN C 130 -9.99 3.10 27.78
N HIS C 131 -10.46 4.30 27.47
CA HIS C 131 -9.66 5.51 27.63
C HIS C 131 -10.24 6.43 28.72
N THR C 132 -10.90 5.82 29.69
CA THR C 132 -11.67 6.53 30.73
C THR C 132 -12.88 7.28 30.17
N TYR C 133 -13.65 7.89 31.06
CA TYR C 133 -14.91 8.53 30.66
C TYR C 133 -14.72 9.94 30.13
N SER C 134 -14.06 10.80 30.92
CA SER C 134 -13.96 12.20 30.56
C SER C 134 -12.53 12.72 30.53
N HIS C 135 -11.59 11.82 30.25
CA HIS C 135 -10.19 12.18 30.02
C HIS C 135 -9.54 13.02 31.14
N PRO C 136 -9.69 12.61 32.41
CA PRO C 136 -9.03 13.43 33.43
C PRO C 136 -7.59 12.98 33.64
N ASN C 137 -6.80 13.79 34.34
CA ASN C 137 -5.48 13.38 34.76
C ASN C 137 -5.61 12.44 35.96
N LEU C 138 -5.45 11.15 35.72
CA LEU C 138 -5.67 10.13 36.77
C LEU C 138 -4.76 10.30 37.97
N ALA C 139 -3.63 10.98 37.78
CA ALA C 139 -2.69 11.21 38.87
C ALA C 139 -3.27 12.17 39.92
N LYS C 140 -4.33 12.88 39.56
CA LYS C 140 -4.89 13.91 40.42
C LYS C 140 -6.25 13.53 41.03
N VAL C 141 -6.77 12.37 40.68
CA VAL C 141 -8.08 11.95 41.17
C VAL C 141 -7.98 10.95 42.31
N ASN C 142 -9.04 10.82 43.10
CA ASN C 142 -9.08 9.81 44.14
C ASN C 142 -9.39 8.43 43.57
N GLU C 143 -9.17 7.38 44.37
CA GLU C 143 -9.33 6.01 43.89
C GLU C 143 -10.75 5.69 43.45
N ASP C 144 -11.74 6.29 44.11
CA ASP C 144 -13.13 6.13 43.71
C ASP C 144 -13.35 6.67 42.30
N GLU C 145 -12.87 7.88 42.06
CA GLU C 145 -13.04 8.51 40.76
C GLU C 145 -12.30 7.77 39.65
N TYR C 146 -11.09 7.30 39.95
CA TYR C 146 -10.33 6.49 39.01
C TYR C 146 -11.12 5.24 38.60
N ARG C 147 -11.59 4.49 39.59
CA ARG C 147 -12.34 3.26 39.34
C ARG C 147 -13.65 3.54 38.63
N ASN C 148 -14.31 4.64 39.00
CA ASN C 148 -15.56 5.03 38.34
C ASN C 148 -15.34 5.35 36.87
N GLN C 149 -14.27 6.09 36.58
CA GLN C 149 -13.92 6.44 35.21
C GLN C 149 -13.79 5.20 34.33
N ILE C 150 -13.09 4.20 34.84
CA ILE C 150 -12.85 2.95 34.10
C ILE C 150 -14.12 2.12 34.00
N ILE C 151 -14.78 1.89 35.12
CA ILE C 151 -15.94 1.01 35.20
C ILE C 151 -17.14 1.51 34.38
N LYS C 152 -17.48 2.79 34.51
CA LYS C 152 -18.62 3.33 33.77
C LYS C 152 -18.34 3.35 32.27
N THR C 153 -17.08 3.53 31.89
CA THR C 153 -16.71 3.52 30.48
C THR C 153 -16.80 2.10 29.93
N GLU C 154 -16.36 1.14 30.75
CA GLU C 154 -16.44 -0.27 30.38
CA GLU C 154 -16.45 -0.26 30.38
C GLU C 154 -17.90 -0.69 30.17
N GLU C 155 -18.79 -0.19 31.02
CA GLU C 155 -20.21 -0.50 30.92
C GLU C 155 -20.80 0.03 29.61
N ILE C 156 -20.44 1.26 29.26
CA ILE C 156 -20.89 1.88 28.02
C ILE C 156 -20.40 1.10 26.81
N LEU C 157 -19.11 0.79 26.81
CA LEU C 157 -18.49 0.10 25.68
C LEU C 157 -18.98 -1.33 25.53
N ASN C 158 -19.20 -2.01 26.65
CA ASN C 158 -19.74 -3.36 26.63
C ASN C 158 -21.14 -3.39 26.03
N ARG C 159 -21.93 -2.35 26.33
N ARG C 159 -21.92 -2.35 26.31
CA ARG C 159 -23.29 -2.25 25.81
CA ARG C 159 -23.28 -2.23 25.83
C ARG C 159 -23.29 -2.02 24.31
C ARG C 159 -23.34 -1.93 24.33
N LEU C 160 -22.35 -1.21 23.84
CA LEU C 160 -22.28 -0.86 22.42
C LEU C 160 -21.51 -1.88 21.58
N ALA C 161 -20.36 -2.32 22.09
CA ALA C 161 -19.49 -3.20 21.33
C ALA C 161 -19.77 -4.68 21.55
N GLY C 162 -20.35 -5.01 22.69
CA GLY C 162 -20.68 -6.39 23.00
C GLY C 162 -19.65 -7.10 23.87
N TYR C 163 -18.66 -6.35 24.36
CA TYR C 163 -17.67 -6.93 25.25
C TYR C 163 -17.01 -5.87 26.13
N ALA C 164 -16.50 -6.30 27.28
CA ALA C 164 -15.77 -5.42 28.18
C ALA C 164 -14.29 -5.42 27.80
N PRO C 165 -13.79 -4.28 27.29
CA PRO C 165 -12.42 -4.16 26.78
C PRO C 165 -11.36 -4.51 27.81
N LYS C 166 -10.36 -5.29 27.39
CA LYS C 166 -9.28 -5.69 28.29
C LYS C 166 -8.22 -4.61 28.39
N PHE C 167 -8.08 -3.81 27.34
CA PHE C 167 -7.01 -2.82 27.27
C PHE C 167 -7.42 -1.43 27.71
N ILE C 168 -6.57 -0.82 28.54
CA ILE C 168 -6.76 0.54 29.02
C ILE C 168 -5.56 1.37 28.63
N ARG C 169 -5.76 2.64 28.31
CA ARG C 169 -4.66 3.59 28.18
C ARG C 169 -5.00 4.87 28.95
N PRO C 170 -4.13 5.25 29.89
CA PRO C 170 -4.37 6.44 30.71
C PRO C 170 -4.14 7.73 29.93
N PXU C 171 -5.07 8.68 30.05
CA PXU C 171 -5.00 10.05 29.58
OA PXU C 171 -5.20 10.09 28.21
CB PXU C 171 -6.12 10.78 30.25
CG PXU C 171 -7.04 9.69 30.70
CD PXU C 171 -6.26 8.43 30.62
C PXU C 171 -3.67 10.67 29.91
O PXU C 171 -3.13 10.42 31.16
N TYR C 172 -2.84 11.20 28.90
CA TYR C 172 -1.51 11.80 29.00
C TYR C 172 -0.48 10.77 29.45
N GLY C 173 -0.87 9.49 29.42
CA GLY C 173 -0.01 8.43 29.89
C GLY C 173 0.23 8.46 31.40
N GLU C 174 -0.60 9.23 32.10
CA GLU C 174 -0.44 9.41 33.54
C GLU C 174 -1.23 8.38 34.35
N ILE C 175 -0.50 7.57 35.11
CA ILE C 175 -1.14 6.58 35.98
C ILE C 175 -0.31 6.33 37.25
N LEU C 176 -0.99 6.16 38.37
CA LEU C 176 -0.32 5.90 39.64
C LEU C 176 -0.15 4.40 39.83
N GLU C 177 0.76 4.00 40.71
CA GLU C 177 1.05 2.58 40.90
C GLU C 177 -0.14 1.79 41.45
N ASN C 178 -0.81 2.36 42.46
CA ASN C 178 -1.99 1.73 43.04
C ASN C 178 -3.08 1.52 42.00
N GLN C 179 -3.24 2.51 41.13
CA GLN C 179 -4.20 2.44 40.05
C GLN C 179 -3.86 1.29 39.10
N LEU C 180 -2.59 1.22 38.70
CA LEU C 180 -2.13 0.15 37.82
C LEU C 180 -2.25 -1.21 38.49
N LYS C 181 -1.91 -1.25 39.78
CA LYS C 181 -2.02 -2.46 40.58
C LYS C 181 -3.44 -2.99 40.53
N TRP C 182 -4.41 -2.10 40.73
CA TRP C 182 -5.81 -2.48 40.73
C TRP C 182 -6.24 -3.03 39.36
N ALA C 183 -5.88 -2.33 38.30
CA ALA C 183 -6.25 -2.74 36.94
C ALA C 183 -5.68 -4.11 36.59
N THR C 184 -4.49 -4.41 37.09
CA THR C 184 -3.87 -5.70 36.88
C THR C 184 -4.68 -6.79 37.60
N GLU C 185 -5.03 -6.51 38.85
CA GLU C 185 -5.85 -7.43 39.64
C GLU C 185 -7.21 -7.63 38.99
N GLN C 186 -7.69 -6.60 38.31
CA GLN C 186 -8.98 -6.66 37.64
C GLN C 186 -8.87 -7.28 36.25
N ASN C 187 -7.69 -7.80 35.95
CA ASN C 187 -7.42 -8.46 34.66
C ASN C 187 -7.49 -7.52 33.46
N PHE C 188 -7.12 -6.26 33.67
CA PHE C 188 -6.95 -5.33 32.56
C PHE C 188 -5.49 -5.40 32.13
N MET C 189 -5.21 -4.84 30.96
CA MET C 189 -3.82 -4.55 30.59
C MET C 189 -3.68 -3.12 30.09
N ILE C 190 -2.70 -2.41 30.63
CA ILE C 190 -2.45 -1.03 30.23
C ILE C 190 -1.32 -0.99 29.20
N VAL C 191 -1.61 -0.40 28.05
CA VAL C 191 -0.59 -0.23 27.02
C VAL C 191 -0.41 1.25 26.72
N GLN C 192 0.82 1.73 26.85
CA GLN C 192 1.15 3.10 26.50
C GLN C 192 1.48 3.15 25.01
N TRP C 193 2.65 3.71 24.67
CA TRP C 193 3.08 3.78 23.28
C TRP C 193 4.59 3.97 23.21
N SER C 194 5.16 3.76 22.02
CA SER C 194 6.60 3.93 21.84
C SER C 194 6.91 4.84 20.66
N VAL C 195 5.90 5.17 19.88
CA VAL C 195 6.04 6.10 18.77
C VAL C 195 4.95 7.16 18.87
N ASP C 196 5.36 8.41 19.05
CA ASP C 196 4.41 9.50 19.23
C ASP C 196 4.42 10.43 18.02
N THR C 197 3.28 10.49 17.33
CA THR C 197 3.18 11.29 16.11
C THR C 197 3.02 12.77 16.40
N VAL C 198 2.75 13.11 17.67
CA VAL C 198 2.33 14.45 18.09
C VAL C 198 1.39 15.14 17.09
N ASP C 199 0.47 14.36 16.54
CA ASP C 199 -0.44 14.82 15.49
C ASP C 199 -1.40 15.90 15.98
N TRP C 200 -1.62 15.96 17.30
CA TRP C 200 -2.51 16.94 17.89
C TRP C 200 -2.02 18.37 17.71
N LYS C 201 -0.76 18.51 17.31
CA LYS C 201 -0.17 19.82 17.07
C LYS C 201 -0.50 20.35 15.67
N GLY C 202 -1.22 19.55 14.89
CA GLY C 202 -1.64 19.96 13.56
C GLY C 202 -0.54 19.84 12.52
N VAL C 203 0.49 19.06 12.83
CA VAL C 203 1.60 18.87 11.90
C VAL C 203 1.17 18.13 10.63
N SER C 204 1.92 18.33 9.55
CA SER C 204 1.56 17.78 8.25
C SER C 204 1.68 16.27 8.18
N ALA C 205 1.14 15.69 7.11
CA ALA C 205 1.20 14.25 6.89
C ALA C 205 2.64 13.78 6.64
N ASP C 206 3.41 14.59 5.93
CA ASP C 206 4.81 14.26 5.66
C ASP C 206 5.63 14.26 6.93
N THR C 207 5.37 15.24 7.80
CA THR C 207 6.07 15.33 9.08
C THR C 207 5.75 14.12 9.95
N ILE C 208 4.48 13.76 10.01
CA ILE C 208 4.03 12.62 10.80
C ILE C 208 4.61 11.32 10.26
N THR C 209 4.58 11.18 8.94
CA THR C 209 5.10 9.98 8.27
C THR C 209 6.59 9.78 8.53
N ASN C 210 7.38 10.84 8.33
CA ASN C 210 8.82 10.76 8.57
C ASN C 210 9.13 10.43 10.02
N ASN C 211 8.32 10.96 10.93
CA ASN C 211 8.46 10.67 12.34
C ASN C 211 8.21 9.19 12.63
N VAL C 212 7.07 8.69 12.14
CA VAL C 212 6.72 7.28 12.32
C VAL C 212 7.76 6.35 11.71
N LEU C 213 8.07 6.57 10.43
CA LEU C 213 9.01 5.71 9.72
C LEU C 213 10.42 5.78 10.29
N GLY C 214 10.80 6.95 10.80
CA GLY C 214 12.12 7.13 11.37
C GLY C 214 12.28 6.51 12.75
N ASN C 215 11.16 6.21 13.40
CA ASN C 215 11.18 5.74 14.78
C ASN C 215 10.46 4.41 15.03
N SER C 216 9.95 3.80 13.97
CA SER C 216 9.23 2.54 14.14
C SER C 216 10.11 1.31 13.92
N PHE C 217 9.90 0.31 14.77
CA PHE C 217 10.66 -0.92 14.75
C PHE C 217 9.67 -2.06 14.96
N PRO C 218 10.10 -3.31 14.73
CA PRO C 218 9.22 -4.43 15.09
C PRO C 218 8.77 -4.33 16.55
N GLY C 219 7.47 -4.36 16.77
CA GLY C 219 6.91 -4.26 18.12
C GLY C 219 6.45 -2.86 18.47
N SER C 220 6.70 -1.89 17.60
CA SER C 220 6.34 -0.50 17.89
C SER C 220 4.84 -0.29 18.06
N VAL C 221 4.47 0.49 19.06
CA VAL C 221 3.09 0.90 19.26
C VAL C 221 2.94 2.40 18.94
N ILE C 222 2.17 2.69 17.90
CA ILE C 222 2.06 4.04 17.37
C ILE C 222 0.85 4.78 17.92
N LEU C 223 1.05 6.02 18.36
CA LEU C 223 -0.02 6.82 18.93
C LEU C 223 -0.52 7.90 17.97
N GLN C 224 -1.81 7.85 17.65
CA GLN C 224 -2.48 8.91 16.92
C GLN C 224 -3.79 9.24 17.61
N HIS C 225 -4.45 10.31 17.18
CA HIS C 225 -5.70 10.72 17.80
C HIS C 225 -6.86 10.84 16.82
N SER C 226 -8.07 10.69 17.32
CA SER C 226 -9.29 11.02 16.58
C SER C 226 -10.16 11.87 17.49
N THR C 227 -9.54 12.89 18.07
CA THR C 227 -10.19 13.77 19.03
C THR C 227 -11.20 14.70 18.35
N PRO C 228 -12.41 14.80 18.93
CA PRO C 228 -13.43 15.75 18.46
C PRO C 228 -12.90 17.19 18.49
N GLY C 229 -12.88 17.84 17.34
CA GLY C 229 -12.46 19.24 17.25
C GLY C 229 -10.96 19.42 17.13
N GLY C 230 -10.22 18.32 16.98
CA GLY C 230 -8.78 18.39 16.88
C GLY C 230 -8.30 18.79 15.49
N HIS C 231 -7.03 19.19 15.40
CA HIS C 231 -6.41 19.49 14.12
C HIS C 231 -5.69 18.23 13.64
N LEU C 232 -6.44 17.31 13.04
CA LEU C 232 -5.94 15.96 12.82
C LEU C 232 -6.08 15.46 11.38
N GLN C 233 -6.38 16.35 10.45
CA GLN C 233 -6.53 15.94 9.05
C GLN C 233 -5.22 15.42 8.48
N GLY C 234 -4.10 15.99 8.93
CA GLY C 234 -2.79 15.54 8.51
C GLY C 234 -2.49 14.14 9.02
N SER C 235 -3.03 13.80 10.17
CA SER C 235 -2.82 12.48 10.77
C SER C 235 -3.55 11.42 9.99
N VAL C 236 -4.73 11.78 9.49
CA VAL C 236 -5.53 10.87 8.67
C VAL C 236 -4.81 10.60 7.35
N ASP C 237 -4.36 11.65 6.70
CA ASP C 237 -3.69 11.55 5.40
C ASP C 237 -2.37 10.80 5.49
N ALA C 238 -1.71 10.90 6.65
CA ALA C 238 -0.44 10.24 6.87
C ALA C 238 -0.56 8.72 6.78
N LEU C 239 -1.75 8.22 7.03
CA LEU C 239 -2.02 6.79 6.95
C LEU C 239 -1.76 6.25 5.54
N ASP C 240 -1.98 7.08 4.54
CA ASP C 240 -1.74 6.69 3.16
C ASP C 240 -0.25 6.59 2.82
N LYS C 241 0.60 7.08 3.71
CA LYS C 241 2.04 6.98 3.52
C LYS C 241 2.66 6.03 4.54
N ILE C 242 2.25 6.15 5.79
CA ILE C 242 2.73 5.30 6.87
C ILE C 242 2.57 3.82 6.54
N ILE C 243 1.36 3.45 6.13
CA ILE C 243 1.03 2.04 5.87
C ILE C 243 1.81 1.41 4.69
N PRO C 244 1.84 2.07 3.52
CA PRO C 244 2.62 1.44 2.44
C PRO C 244 4.13 1.41 2.72
N GLN C 245 4.65 2.44 3.37
CA GLN C 245 6.08 2.51 3.64
C GLN C 245 6.56 1.49 4.68
N LEU C 246 5.65 1.08 5.56
CA LEU C 246 5.97 0.03 6.52
C LEU C 246 5.73 -1.36 5.92
N LYS C 247 4.65 -1.51 5.17
CA LYS C 247 4.33 -2.76 4.49
C LYS C 247 5.44 -3.19 3.54
N THR C 248 6.05 -2.22 2.86
CA THR C 248 7.07 -2.50 1.86
C THR C 248 8.33 -3.09 2.52
N LYS C 249 8.46 -2.86 3.82
CA LYS C 249 9.58 -3.41 4.58
C LYS C 249 9.19 -4.72 5.24
N GLY C 250 8.06 -5.29 4.80
CA GLY C 250 7.60 -6.57 5.32
C GLY C 250 7.01 -6.47 6.71
N ALA C 251 6.54 -5.29 7.10
CA ALA C 251 5.88 -5.11 8.37
C ALA C 251 4.38 -5.35 8.24
N ARG C 252 3.79 -5.98 9.25
CA ARG C 252 2.36 -6.22 9.26
C ARG C 252 1.71 -5.49 10.44
N PHE C 253 0.50 -4.99 10.24
CA PHE C 253 -0.22 -4.26 11.27
C PHE C 253 -1.14 -5.18 12.05
N VAL C 254 -0.99 -5.18 13.37
CA VAL C 254 -1.80 -6.03 14.23
C VAL C 254 -2.52 -5.21 15.30
N THR C 255 -3.54 -5.82 15.91
CA THR C 255 -4.23 -5.20 17.02
C THR C 255 -3.46 -5.48 18.31
N LEU C 256 -3.78 -4.75 19.37
CA LEU C 256 -3.11 -4.97 20.66
C LEU C 256 -3.30 -6.37 21.25
N PRO C 257 -4.53 -6.93 21.22
CA PRO C 257 -4.67 -8.30 21.72
C PRO C 257 -3.78 -9.28 20.98
N SER C 258 -3.63 -9.08 19.67
CA SER C 258 -2.78 -9.95 18.86
C SER C 258 -1.30 -9.74 19.20
N MET C 259 -0.89 -8.48 19.34
CA MET C 259 0.49 -8.17 19.67
C MET C 259 0.91 -8.74 21.02
N PHE C 260 0.03 -8.64 22.02
CA PHE C 260 0.37 -9.08 23.37
C PHE C 260 -0.20 -10.45 23.73
N GLN C 261 -0.74 -11.15 22.73
CA GLN C 261 -1.22 -12.52 22.89
C GLN C 261 -2.26 -12.67 24.00
N THR C 262 -3.24 -11.78 23.99
CA THR C 262 -4.33 -11.83 24.96
C THR C 262 -5.67 -11.66 24.26
N SER C 263 -6.74 -11.76 25.03
CA SER C 263 -8.09 -11.53 24.50
C SER C 263 -8.34 -10.03 24.36
N LYS C 264 -9.27 -9.66 23.50
CA LYS C 264 -9.69 -8.27 23.41
C LYS C 264 -10.58 -7.90 24.57
N GLU C 265 -11.19 -8.91 25.19
CA GLU C 265 -12.12 -8.69 26.28
C GLU C 265 -11.61 -9.21 27.62
N ARG C 266 -12.22 -8.75 28.69
CA ARG C 266 -11.76 -9.04 30.04
C ARG C 266 -12.59 -10.15 30.69
N THR D 54 16.40 -1.92 6.08
CA THR D 54 16.28 -3.38 6.12
C THR D 54 14.87 -3.82 6.52
N PRO D 55 14.39 -4.93 5.93
CA PRO D 55 13.04 -5.45 6.17
C PRO D 55 12.78 -5.87 7.62
N PHE D 56 11.54 -5.67 8.07
CA PHE D 56 11.11 -6.15 9.38
C PHE D 56 11.04 -7.68 9.38
N SER D 57 10.73 -8.24 8.21
CA SER D 57 10.53 -9.68 8.09
C SER D 57 11.76 -10.48 8.47
N TRP D 58 12.93 -9.84 8.36
CA TRP D 58 14.19 -10.48 8.70
C TRP D 58 14.29 -10.90 10.17
N VAL D 59 13.54 -10.23 11.04
CA VAL D 59 13.57 -10.58 12.46
C VAL D 59 12.84 -11.89 12.74
N GLU D 60 12.05 -12.34 11.77
CA GLU D 60 11.36 -13.62 11.88
C GLU D 60 12.16 -14.73 11.20
N LYS D 61 12.86 -14.38 10.12
CA LYS D 61 13.59 -15.37 9.31
C LYS D 61 14.99 -15.67 9.84
N TYR D 62 15.67 -14.66 10.36
CA TYR D 62 17.07 -14.82 10.74
C TYR D 62 17.36 -14.40 12.18
N ALA D 63 18.57 -14.69 12.64
CA ALA D 63 19.04 -14.20 13.93
C ALA D 63 19.32 -12.70 13.80
N TYR D 64 18.26 -11.90 13.95
CA TYR D 64 18.29 -10.50 13.60
C TYR D 64 17.34 -9.72 14.50
N ALA D 65 17.82 -8.62 15.08
CA ALA D 65 17.01 -7.84 15.99
C ALA D 65 17.42 -6.37 16.05
N PHE D 66 16.46 -5.50 16.40
CA PHE D 66 16.72 -4.07 16.59
C PHE D 66 16.70 -3.71 18.06
N SER D 67 15.91 -4.45 18.84
CA SER D 67 15.73 -4.18 20.26
C SER D 67 15.30 -5.43 21.01
N GLY D 68 15.12 -5.32 22.32
CA GLY D 68 14.88 -6.48 23.15
C GLY D 68 13.48 -6.62 23.74
N PRO D 69 13.33 -7.50 24.73
CA PRO D 69 12.06 -7.82 25.39
C PRO D 69 11.38 -6.60 26.03
N TYR D 70 10.07 -6.47 25.77
CA TYR D 70 9.30 -5.35 26.26
C TYR D 70 8.88 -5.53 27.72
N ASN D 71 8.96 -6.77 28.22
CA ASN D 71 8.53 -7.08 29.57
C ASN D 71 9.70 -7.21 30.56
N LYS D 72 10.86 -6.72 30.14
CA LYS D 72 12.00 -6.63 31.03
C LYS D 72 12.41 -5.17 31.16
N ALA D 73 12.64 -4.72 32.39
CA ALA D 73 13.06 -3.34 32.61
C ALA D 73 14.54 -3.16 32.29
N GLU D 74 14.93 -3.51 31.07
CA GLU D 74 16.33 -3.55 30.70
C GLU D 74 16.63 -2.86 29.36
N VAL D 75 17.73 -2.12 29.33
CA VAL D 75 18.21 -1.50 28.10
C VAL D 75 19.67 -1.87 27.88
N ALA D 76 20.18 -1.60 26.68
CA ALA D 76 21.55 -1.99 26.35
C ALA D 76 22.35 -0.85 25.72
N LEU D 77 23.44 -0.48 26.37
CA LEU D 77 24.39 0.46 25.80
C LEU D 77 25.34 -0.30 24.87
N THR D 78 25.54 0.20 23.66
CA THR D 78 26.47 -0.41 22.72
C THR D 78 27.40 0.64 22.13
N PHE D 79 28.63 0.23 21.81
CA PHE D 79 29.64 1.16 21.31
C PHE D 79 30.36 0.61 20.06
N ASP D 80 30.36 1.39 18.99
CA ASP D 80 30.93 0.96 17.72
C ASP D 80 32.28 1.59 17.39
N ASP D 81 33.01 0.92 16.49
CA ASP D 81 34.26 1.42 15.90
C ASP D 81 35.50 1.38 16.81
N GLY D 82 35.34 0.86 18.01
CA GLY D 82 36.45 0.75 18.93
C GLY D 82 37.45 -0.31 18.51
N PRO D 83 38.59 -0.39 19.20
CA PRO D 83 38.95 0.55 20.27
C PRO D 83 39.74 1.73 19.74
N ASP D 84 40.08 2.65 20.64
CA ASP D 84 40.97 3.76 20.32
C ASP D 84 41.66 4.21 21.60
N LEU D 85 42.53 5.20 21.49
CA LEU D 85 43.36 5.62 22.63
C LEU D 85 42.72 6.69 23.50
N GLU D 86 41.69 7.35 22.97
CA GLU D 86 41.08 8.47 23.70
C GLU D 86 39.71 8.14 24.29
N PHE D 87 38.74 7.81 23.44
CA PHE D 87 37.36 7.66 23.89
C PHE D 87 37.06 6.33 24.57
N THR D 88 37.53 5.23 23.99
CA THR D 88 37.29 3.91 24.56
C THR D 88 37.72 3.77 26.03
N PRO D 89 38.96 4.22 26.39
CA PRO D 89 39.32 4.14 27.81
C PRO D 89 38.42 5.00 28.69
N LYS D 90 38.09 6.20 28.24
CA LYS D 90 37.22 7.10 28.99
C LYS D 90 35.85 6.49 29.22
N ILE D 91 35.30 5.86 28.19
CA ILE D 91 34.01 5.17 28.30
C ILE D 91 34.09 4.04 29.31
N LEU D 92 35.18 3.27 29.25
CA LEU D 92 35.41 2.15 30.16
C LEU D 92 35.43 2.60 31.62
N ASP D 93 36.00 3.76 31.87
CA ASP D 93 36.04 4.33 33.21
C ASP D 93 34.63 4.64 33.73
N LYS D 94 33.84 5.33 32.91
CA LYS D 94 32.49 5.72 33.30
C LYS D 94 31.58 4.52 33.52
N LEU D 95 31.69 3.52 32.65
CA LEU D 95 30.92 2.30 32.79
C LEU D 95 31.24 1.61 34.12
N LYS D 96 32.53 1.56 34.47
CA LYS D 96 32.96 0.96 35.72
C LYS D 96 32.45 1.78 36.91
N GLN D 97 32.54 3.10 36.79
CA GLN D 97 32.08 4.01 37.82
C GLN D 97 30.60 3.80 38.15
N HIS D 98 29.78 3.64 37.13
CA HIS D 98 28.35 3.43 37.32
C HIS D 98 27.98 1.95 37.47
N ASN D 99 29.00 1.10 37.58
CA ASN D 99 28.81 -0.35 37.66
C ASN D 99 27.91 -0.88 36.55
N VAL D 100 28.19 -0.46 35.33
CA VAL D 100 27.37 -0.84 34.18
C VAL D 100 28.20 -1.63 33.18
N LYS D 101 27.66 -2.75 32.71
CA LYS D 101 28.29 -3.56 31.67
C LYS D 101 27.66 -3.24 30.33
N ALA D 102 28.46 -3.28 29.26
CA ALA D 102 27.97 -2.91 27.94
C ALA D 102 28.51 -3.83 26.85
N THR D 103 28.16 -3.53 25.60
CA THR D 103 28.61 -4.32 24.47
C THR D 103 29.42 -3.47 23.50
N PHE D 104 30.62 -3.93 23.17
CA PHE D 104 31.52 -3.19 22.28
C PHE D 104 31.68 -3.89 20.94
N PHE D 105 31.18 -3.26 19.88
CA PHE D 105 31.39 -3.76 18.52
C PHE D 105 32.68 -3.20 17.96
N LEU D 106 33.74 -4.01 17.99
CA LEU D 106 35.07 -3.54 17.64
C LEU D 106 35.42 -3.80 16.19
N LEU D 107 36.14 -2.85 15.58
CA LEU D 107 36.69 -3.02 14.25
C LEU D 107 37.97 -3.84 14.32
N GLY D 108 38.10 -4.81 13.43
CA GLY D 108 39.28 -5.66 13.38
C GLY D 108 40.59 -4.91 13.27
N GLU D 109 40.61 -3.90 12.40
CA GLU D 109 41.83 -3.12 12.16
C GLU D 109 42.23 -2.29 13.38
N ASN D 110 41.24 -1.90 14.18
CA ASN D 110 41.50 -1.12 15.37
C ASN D 110 41.94 -1.99 16.54
N ALA D 111 41.41 -3.21 16.58
CA ALA D 111 41.80 -4.17 17.60
C ALA D 111 43.28 -4.53 17.47
N GLU D 112 43.76 -4.57 16.24
CA GLU D 112 45.18 -4.84 15.97
C GLU D 112 46.04 -3.72 16.52
N LYS D 113 45.67 -2.47 16.24
CA LYS D 113 46.43 -1.30 16.68
C LYS D 113 46.52 -1.19 18.20
N PHE D 114 45.44 -1.51 18.89
CA PHE D 114 45.40 -1.35 20.34
C PHE D 114 44.87 -2.60 21.05
N PRO D 115 45.66 -3.69 21.01
CA PRO D 115 45.22 -4.95 21.61
C PRO D 115 45.05 -4.87 23.13
N ASN D 116 45.79 -3.98 23.78
CA ASN D 116 45.68 -3.83 25.23
C ASN D 116 44.33 -3.27 25.66
N ILE D 117 43.79 -2.35 24.88
CA ILE D 117 42.47 -1.79 25.15
C ILE D 117 41.41 -2.87 25.02
N VAL D 118 41.60 -3.76 24.04
CA VAL D 118 40.71 -4.90 23.85
C VAL D 118 40.69 -5.77 25.09
N LYS D 119 41.87 -6.03 25.64
CA LYS D 119 42.02 -6.84 26.85
C LYS D 119 41.28 -6.21 28.02
N ARG D 120 41.38 -4.89 28.16
CA ARG D 120 40.73 -4.19 29.27
C ARG D 120 39.21 -4.30 29.19
N ILE D 121 38.68 -4.27 27.97
CA ILE D 121 37.25 -4.40 27.74
C ILE D 121 36.72 -5.74 28.24
N ALA D 122 37.40 -6.82 27.86
CA ALA D 122 37.00 -8.15 28.29
C ALA D 122 37.20 -8.35 29.78
N ASN D 123 38.29 -7.80 30.30
CA ASN D 123 38.63 -7.97 31.72
C ASN D 123 37.67 -7.23 32.66
N GLU D 124 37.03 -6.19 32.15
CA GLU D 124 36.12 -5.40 32.98
C GLU D 124 34.66 -5.79 32.79
N GLY D 125 34.44 -7.01 32.30
CA GLY D 125 33.12 -7.60 32.29
C GLY D 125 32.21 -7.26 31.12
N HIS D 126 32.74 -6.55 30.13
CA HIS D 126 31.93 -6.16 28.98
C HIS D 126 31.93 -7.23 27.90
N VAL D 127 30.97 -7.15 26.99
CA VAL D 127 30.89 -8.10 25.88
C VAL D 127 31.43 -7.49 24.59
N ILE D 128 32.21 -8.26 23.85
CA ILE D 128 32.78 -7.80 22.60
C ILE D 128 32.02 -8.36 21.39
N GLY D 129 31.77 -7.51 20.41
CA GLY D 129 31.10 -7.93 19.18
C GLY D 129 31.92 -7.63 17.94
N ASN D 130 31.56 -8.27 16.83
CA ASN D 130 32.26 -8.13 15.57
C ASN D 130 31.66 -7.02 14.72
N HIS D 131 32.47 -6.02 14.39
CA HIS D 131 32.00 -4.88 13.59
C HIS D 131 32.71 -4.81 12.25
N THR D 132 33.12 -5.98 11.74
CA THR D 132 33.98 -6.14 10.55
C THR D 132 35.40 -5.62 10.78
N TYR D 133 36.23 -5.72 9.75
CA TYR D 133 37.64 -5.40 9.87
C TYR D 133 37.96 -3.94 9.53
N SER D 134 37.56 -3.50 8.35
CA SER D 134 37.92 -2.16 7.89
C SER D 134 36.70 -1.26 7.67
N HIS D 135 35.61 -1.59 8.33
CA HIS D 135 34.38 -0.78 8.27
C HIS D 135 33.90 -0.47 6.85
N PRO D 136 33.81 -1.48 5.97
CA PRO D 136 33.34 -1.13 4.63
C PRO D 136 31.81 -1.18 4.57
N ASN D 137 31.22 -0.57 3.54
CA ASN D 137 29.80 -0.70 3.29
C ASN D 137 29.53 -2.09 2.73
N LEU D 138 29.00 -2.98 3.56
CA LEU D 138 28.79 -4.37 3.17
C LEU D 138 27.82 -4.53 2.00
N ALA D 139 27.04 -3.49 1.73
CA ALA D 139 26.08 -3.52 0.63
C ALA D 139 26.77 -3.43 -0.73
N LYS D 140 28.04 -3.07 -0.75
CA LYS D 140 28.76 -2.95 -2.01
C LYS D 140 30.02 -3.83 -2.09
N VAL D 141 30.13 -4.80 -1.20
CA VAL D 141 31.21 -5.78 -1.28
C VAL D 141 30.66 -7.11 -1.77
N ASN D 142 31.52 -7.95 -2.34
CA ASN D 142 31.08 -9.27 -2.78
C ASN D 142 31.05 -10.28 -1.65
N GLU D 143 30.54 -11.48 -1.96
CA GLU D 143 30.33 -12.53 -0.97
C GLU D 143 31.60 -12.92 -0.22
N ASP D 144 32.68 -13.15 -0.97
CA ASP D 144 33.94 -13.58 -0.38
C ASP D 144 34.55 -12.52 0.55
N GLU D 145 34.46 -11.27 0.14
CA GLU D 145 34.99 -10.17 0.94
C GLU D 145 34.19 -9.98 2.23
N TYR D 146 32.87 -10.10 2.13
CA TYR D 146 32.00 -10.00 3.31
C TYR D 146 32.41 -11.02 4.37
N ARG D 147 32.51 -12.28 3.96
CA ARG D 147 32.90 -13.36 4.86
C ARG D 147 34.32 -13.14 5.38
N ASN D 148 35.20 -12.67 4.50
CA ASN D 148 36.58 -12.38 4.89
C ASN D 148 36.65 -11.28 5.95
N GLN D 149 35.80 -10.27 5.81
CA GLN D 149 35.70 -9.19 6.79
C GLN D 149 35.31 -9.73 8.16
N ILE D 150 34.36 -10.66 8.17
CA ILE D 150 33.86 -11.24 9.41
C ILE D 150 34.87 -12.20 10.02
N ILE D 151 35.37 -13.13 9.21
CA ILE D 151 36.28 -14.17 9.67
C ILE D 151 37.63 -13.62 10.15
N LYS D 152 38.20 -12.68 9.40
CA LYS D 152 39.48 -12.08 9.79
C LYS D 152 39.36 -11.31 11.10
N THR D 153 38.20 -10.69 11.33
CA THR D 153 37.97 -9.97 12.57
C THR D 153 37.70 -10.94 13.71
N GLU D 154 36.97 -12.01 13.40
CA GLU D 154 36.62 -13.03 14.39
C GLU D 154 37.88 -13.70 14.94
N GLU D 155 38.85 -13.99 14.08
CA GLU D 155 40.08 -14.64 14.52
C GLU D 155 40.96 -13.71 15.34
N ILE D 156 40.97 -12.44 14.99
CA ILE D 156 41.72 -11.44 15.74
C ILE D 156 41.16 -11.28 17.15
N LEU D 157 39.83 -11.09 17.23
CA LEU D 157 39.17 -10.90 18.51
C LEU D 157 39.28 -12.15 19.39
N ASN D 158 39.12 -13.32 18.77
CA ASN D 158 39.28 -14.58 19.49
C ASN D 158 40.66 -14.68 20.13
N ARG D 159 41.68 -14.19 19.43
CA ARG D 159 43.04 -14.20 19.94
C ARG D 159 43.17 -13.22 21.10
N LEU D 160 42.62 -12.03 20.92
CA LEU D 160 42.79 -10.95 21.89
C LEU D 160 41.83 -11.04 23.08
N ALA D 161 40.64 -11.59 22.86
CA ALA D 161 39.61 -11.62 23.91
C ALA D 161 39.37 -13.00 24.49
N GLY D 162 39.84 -14.04 23.81
CA GLY D 162 39.74 -15.39 24.32
C GLY D 162 38.47 -16.12 23.92
N TYR D 163 37.67 -15.51 23.05
CA TYR D 163 36.48 -16.15 22.53
C TYR D 163 36.06 -15.54 21.20
N ALA D 164 35.32 -16.31 20.41
CA ALA D 164 34.80 -15.82 19.14
C ALA D 164 33.41 -15.24 19.32
N PRO D 165 33.26 -13.92 19.14
CA PRO D 165 32.01 -13.19 19.35
C PRO D 165 30.83 -13.75 18.54
N LYS D 166 29.67 -13.86 19.18
CA LYS D 166 28.47 -14.31 18.50
C LYS D 166 27.77 -13.15 17.81
N PHE D 167 27.99 -11.95 18.34
CA PHE D 167 27.26 -10.78 17.87
C PHE D 167 27.99 -9.97 16.79
N ILE D 168 27.24 -9.63 15.75
CA ILE D 168 27.73 -8.82 14.65
C ILE D 168 26.84 -7.59 14.51
N ARG D 169 27.46 -6.45 14.19
CA ARG D 169 26.70 -5.30 13.72
C ARG D 169 27.36 -4.77 12.45
N PRO D 170 26.58 -4.67 11.37
CA PRO D 170 27.13 -4.23 10.08
C PRO D 170 27.32 -2.72 10.03
N PXU D 171 28.44 -2.08 9.68
CA PXU D 171 28.74 -0.70 9.36
OA PXU D 171 29.04 -0.01 10.52
CB PXU D 171 29.93 -0.74 8.46
CG PXU D 171 30.45 -2.13 8.53
CD PXU D 171 29.42 -2.91 9.29
C PXU D 171 27.57 -0.03 8.68
O PXU D 171 26.79 -0.80 7.84
N TYR D 172 27.00 1.17 9.24
CA TYR D 172 25.91 1.96 8.69
C TYR D 172 24.60 1.18 8.75
N GLY D 173 24.62 0.03 9.40
CA GLY D 173 23.46 -0.84 9.47
C GLY D 173 23.15 -1.51 8.15
N GLU D 174 24.11 -1.46 7.23
CA GLU D 174 23.92 -2.01 5.88
C GLU D 174 24.32 -3.47 5.80
N ILE D 175 23.35 -4.33 5.47
CA ILE D 175 23.62 -5.75 5.26
C ILE D 175 22.62 -6.35 4.27
N LEU D 176 23.10 -7.22 3.41
CA LEU D 176 22.26 -7.88 2.41
C LEU D 176 21.70 -9.18 2.96
N GLU D 177 20.64 -9.69 2.33
CA GLU D 177 19.95 -10.88 2.83
C GLU D 177 20.83 -12.12 2.84
N ASN D 178 21.56 -12.35 1.76
CA ASN D 178 22.47 -13.49 1.67
C ASN D 178 23.55 -13.43 2.73
N GLN D 179 23.99 -12.22 3.04
CA GLN D 179 24.99 -12.00 4.08
C GLN D 179 24.43 -12.35 5.43
N LEU D 180 23.20 -11.89 5.70
CA LEU D 180 22.52 -12.19 6.95
C LEU D 180 22.16 -13.67 7.06
N LYS D 181 21.78 -14.25 5.93
CA LYS D 181 21.45 -15.68 5.87
C LYS D 181 22.66 -16.52 6.25
N TRP D 182 23.80 -16.23 5.63
CA TRP D 182 25.05 -16.92 5.92
C TRP D 182 25.43 -16.78 7.39
N ALA D 183 25.27 -15.57 7.92
CA ALA D 183 25.62 -15.29 9.31
C ALA D 183 24.77 -16.11 10.27
N THR D 184 23.48 -16.23 9.96
CA THR D 184 22.57 -17.02 10.78
C THR D 184 22.97 -18.49 10.78
N GLU D 185 23.33 -19.00 9.61
CA GLU D 185 23.75 -20.38 9.46
C GLU D 185 25.05 -20.65 10.21
N GLN D 186 25.88 -19.62 10.35
CA GLN D 186 27.14 -19.75 11.05
C GLN D 186 26.98 -19.49 12.55
N ASN D 187 25.73 -19.46 13.00
CA ASN D 187 25.40 -19.29 14.42
C ASN D 187 25.77 -17.91 14.99
N PHE D 188 25.87 -16.91 14.10
CA PHE D 188 26.01 -15.53 14.55
C PHE D 188 24.63 -14.97 14.86
N MET D 189 24.59 -13.81 15.50
CA MET D 189 23.37 -13.02 15.56
C MET D 189 23.67 -11.55 15.31
N ILE D 190 22.90 -10.94 14.42
CA ILE D 190 23.08 -9.54 14.09
C ILE D 190 22.10 -8.68 14.89
N VAL D 191 22.64 -7.71 15.61
CA VAL D 191 21.82 -6.74 16.33
C VAL D 191 22.13 -5.34 15.84
N GLN D 192 21.09 -4.65 15.38
CA GLN D 192 21.24 -3.25 14.98
C GLN D 192 21.04 -2.38 16.21
N TRP D 193 20.08 -1.47 16.15
CA TRP D 193 19.81 -0.57 17.27
C TRP D 193 18.43 0.07 17.14
N SER D 194 17.97 0.68 18.21
CA SER D 194 16.66 1.32 18.20
C SER D 194 16.71 2.76 18.71
N VAL D 195 17.84 3.12 19.34
CA VAL D 195 18.05 4.49 19.79
C VAL D 195 19.38 5.01 19.25
N ASP D 196 19.31 6.00 18.38
CA ASP D 196 20.50 6.57 17.75
C ASP D 196 20.83 7.92 18.37
N THR D 197 22.00 8.01 18.98
CA THR D 197 22.44 9.23 19.64
C THR D 197 23.01 10.23 18.63
N VAL D 198 23.22 9.77 17.41
CA VAL D 198 23.97 10.50 16.37
C VAL D 198 25.15 11.30 16.92
N ASP D 199 25.87 10.70 17.86
CA ASP D 199 26.96 11.36 18.59
C ASP D 199 28.15 11.71 17.70
N TRP D 200 28.25 11.04 16.56
CA TRP D 200 29.34 11.31 15.62
C TRP D 200 29.24 12.70 15.00
N LYS D 201 28.09 13.33 15.15
CA LYS D 201 27.88 14.70 14.67
C LYS D 201 28.60 15.74 15.54
N GLY D 202 29.00 15.32 16.75
CA GLY D 202 29.71 16.20 17.65
C GLY D 202 28.77 16.94 18.59
N VAL D 203 27.52 16.47 18.64
CA VAL D 203 26.50 17.07 19.50
C VAL D 203 26.86 16.98 20.99
N SER D 204 26.33 17.90 21.78
CA SER D 204 26.67 18.02 23.20
C SER D 204 26.11 16.90 24.06
N ALA D 205 26.60 16.79 25.28
CA ALA D 205 26.17 15.76 26.22
C ALA D 205 24.69 15.90 26.57
N ASP D 206 24.21 17.13 26.69
CA ASP D 206 22.82 17.39 27.01
C ASP D 206 21.89 16.98 25.86
N THR D 207 22.33 17.22 24.63
CA THR D 207 21.55 16.87 23.45
C THR D 207 21.43 15.36 23.31
N ILE D 208 22.53 14.67 23.53
CA ILE D 208 22.56 13.22 23.45
C ILE D 208 21.68 12.60 24.54
N THR D 209 21.78 13.15 25.74
CA THR D 209 20.98 12.68 26.87
C THR D 209 19.48 12.81 26.61
N ASN D 210 19.04 14.00 26.21
CA ASN D 210 17.63 14.25 25.93
C ASN D 210 17.12 13.32 24.83
N ASN D 211 17.95 13.10 23.82
CA ASN D 211 17.61 12.20 22.73
C ASN D 211 17.42 10.77 23.24
N VAL D 212 18.37 10.30 24.05
CA VAL D 212 18.29 8.96 24.60
C VAL D 212 17.07 8.79 25.51
N LEU D 213 16.94 9.67 26.49
CA LEU D 213 15.86 9.58 27.48
C LEU D 213 14.48 9.75 26.87
N GLY D 214 14.40 10.52 25.79
CA GLY D 214 13.15 10.74 25.11
C GLY D 214 12.72 9.54 24.27
N ASN D 215 13.68 8.74 23.85
CA ASN D 215 13.40 7.64 22.92
C ASN D 215 13.68 6.25 23.47
N SER D 216 14.00 6.15 24.75
CA SER D 216 14.32 4.84 25.35
C SER D 216 13.15 4.21 26.09
N PHE D 217 12.96 2.92 25.84
CA PHE D 217 11.88 2.14 26.42
C PHE D 217 12.47 0.82 26.89
N PRO D 218 11.71 0.03 27.66
CA PRO D 218 12.22 -1.31 28.00
C PRO D 218 12.58 -2.09 26.74
N GLY D 219 13.82 -2.52 26.65
CA GLY D 219 14.29 -3.28 25.51
C GLY D 219 15.11 -2.47 24.51
N SER D 220 15.22 -1.17 24.73
CA SER D 220 15.95 -0.28 23.82
C SER D 220 17.42 -0.65 23.71
N VAL D 221 17.92 -0.67 22.47
CA VAL D 221 19.35 -0.84 22.22
C VAL D 221 19.92 0.50 21.75
N ILE D 222 20.86 1.03 22.52
CA ILE D 222 21.38 2.38 22.29
C ILE D 222 22.71 2.35 21.55
N LEU D 223 22.83 3.19 20.51
CA LEU D 223 24.04 3.24 19.69
C LEU D 223 24.90 4.45 20.02
N GLN D 224 26.15 4.19 20.37
CA GLN D 224 27.15 5.23 20.56
C GLN D 224 28.44 4.80 19.88
N HIS D 225 29.40 5.71 19.80
CA HIS D 225 30.65 5.43 19.09
C HIS D 225 31.89 5.73 19.92
N SER D 226 32.95 4.95 19.68
CA SER D 226 34.26 5.22 20.24
C SER D 226 35.28 5.23 19.11
N THR D 227 34.91 5.90 18.02
CA THR D 227 35.71 5.95 16.81
C THR D 227 36.97 6.79 16.98
N PRO D 228 38.13 6.25 16.54
CA PRO D 228 39.40 6.96 16.56
C PRO D 228 39.32 8.29 15.80
N GLY D 229 39.58 9.40 16.50
CA GLY D 229 39.58 10.70 15.88
C GLY D 229 38.21 11.31 15.70
N GLY D 230 37.21 10.72 16.36
CA GLY D 230 35.85 11.24 16.27
C GLY D 230 35.61 12.42 17.18
N HIS D 231 34.55 13.17 16.91
CA HIS D 231 34.13 14.23 17.81
C HIS D 231 33.12 13.66 18.80
N LEU D 232 33.64 12.95 19.80
CA LEU D 232 32.80 12.11 20.65
C LEU D 232 32.90 12.39 22.15
N GLN D 233 33.53 13.50 22.53
CA GLN D 233 33.68 13.81 23.95
C GLN D 233 32.34 14.05 24.63
N GLY D 234 31.41 14.66 23.90
CA GLY D 234 30.07 14.87 24.40
C GLY D 234 29.37 13.55 24.67
N SER D 235 29.62 12.58 23.81
CA SER D 235 29.04 11.24 23.94
C SER D 235 29.54 10.55 25.21
N VAL D 236 30.81 10.71 25.52
CA VAL D 236 31.39 10.12 26.72
C VAL D 236 30.81 10.80 27.96
N ASP D 237 30.74 12.12 27.94
CA ASP D 237 30.20 12.88 29.05
C ASP D 237 28.70 12.62 29.24
N ALA D 238 28.03 12.30 28.15
CA ALA D 238 26.59 12.01 28.19
C ALA D 238 26.26 10.82 29.09
N LEU D 239 27.23 9.92 29.24
CA LEU D 239 27.04 8.72 30.05
C LEU D 239 26.77 9.02 31.51
N ASP D 240 27.30 10.16 31.99
CA ASP D 240 27.09 10.57 33.38
C ASP D 240 25.67 11.05 33.64
N LYS D 241 24.92 11.32 32.58
CA LYS D 241 23.53 11.75 32.72
C LYS D 241 22.57 10.67 32.27
N ILE D 242 22.90 10.02 31.15
CA ILE D 242 22.09 8.94 30.60
C ILE D 242 21.84 7.82 31.62
N ILE D 243 22.92 7.35 32.25
CA ILE D 243 22.82 6.23 33.17
C ILE D 243 21.98 6.53 34.43
N PRO D 244 22.28 7.63 35.15
CA PRO D 244 21.44 7.90 36.33
C PRO D 244 19.98 8.18 35.99
N GLN D 245 19.73 8.85 34.87
CA GLN D 245 18.36 9.22 34.49
C GLN D 245 17.52 8.01 34.07
N LEU D 246 18.17 6.96 33.58
CA LEU D 246 17.48 5.73 33.25
C LEU D 246 17.33 4.86 34.50
N LYS D 247 18.40 4.76 35.29
CA LYS D 247 18.37 4.02 36.54
C LYS D 247 17.25 4.50 37.47
N THR D 248 17.03 5.80 37.48
CA THR D 248 16.06 6.39 38.40
C THR D 248 14.62 6.00 38.06
N LYS D 249 14.43 5.41 36.89
CA LYS D 249 13.11 4.95 36.48
C LYS D 249 13.01 3.42 36.57
N GLY D 250 13.97 2.82 37.27
CA GLY D 250 13.96 1.39 37.49
C GLY D 250 14.49 0.61 36.31
N ALA D 251 15.20 1.29 35.42
CA ALA D 251 15.82 0.62 34.28
C ALA D 251 17.17 0.04 34.66
N ARG D 252 17.47 -1.14 34.13
CA ARG D 252 18.74 -1.80 34.40
C ARG D 252 19.51 -1.98 33.09
N PHE D 253 20.83 -1.89 33.16
CA PHE D 253 21.67 -2.03 31.97
C PHE D 253 22.20 -3.45 31.85
N VAL D 254 22.02 -4.03 30.67
CA VAL D 254 22.47 -5.39 30.41
C VAL D 254 23.28 -5.46 29.13
N THR D 255 23.99 -6.56 28.94
CA THR D 255 24.71 -6.81 27.70
C THR D 255 23.77 -7.48 26.71
N LEU D 256 24.13 -7.43 25.42
CA LEU D 256 23.31 -8.07 24.39
C LEU D 256 23.05 -9.58 24.61
N PRO D 257 24.07 -10.34 25.06
CA PRO D 257 23.80 -11.76 25.37
C PRO D 257 22.72 -11.96 26.43
N SER D 258 22.67 -11.10 27.44
CA SER D 258 21.63 -11.18 28.46
C SER D 258 20.28 -10.80 27.89
N MET D 259 20.25 -9.71 27.12
CA MET D 259 19.02 -9.21 26.52
C MET D 259 18.36 -10.26 25.63
N PHE D 260 19.16 -10.89 24.78
CA PHE D 260 18.63 -11.86 23.83
C PHE D 260 18.81 -13.30 24.27
N GLN D 261 19.13 -13.47 25.55
CA GLN D 261 19.19 -14.79 26.17
C GLN D 261 20.04 -15.79 25.40
N THR D 262 21.25 -15.38 25.05
CA THR D 262 22.16 -16.24 24.32
C THR D 262 23.59 -16.05 24.78
N SER D 263 24.49 -16.89 24.28
CA SER D 263 25.89 -16.80 24.65
C SER D 263 26.58 -15.65 23.91
N LYS D 264 27.61 -15.10 24.53
CA LYS D 264 28.41 -14.06 23.89
C LYS D 264 29.29 -14.65 22.79
N GLU D 265 29.43 -15.97 22.79
CA GLU D 265 30.28 -16.66 21.84
C GLU D 265 29.55 -17.78 21.11
N ARG D 266 30.11 -18.22 19.98
CA ARG D 266 29.53 -19.30 19.21
C ARG D 266 30.49 -20.49 19.07
S SO4 E . 12.83 15.78 -18.19
O1 SO4 E . 12.80 16.71 -17.07
O2 SO4 E . 11.49 15.62 -18.73
O3 SO4 E . 13.71 16.31 -19.23
O4 SO4 E . 13.34 14.49 -17.73
C ACT F . 6.28 1.61 -27.06
O ACT F . 6.59 2.26 -28.09
OXT ACT F . 6.82 1.97 -26.00
CH3 ACT F . 5.30 0.46 -27.11
S SO4 G . -28.28 19.88 -32.35
O1 SO4 G . -28.95 21.01 -31.70
O2 SO4 G . -28.16 20.16 -33.79
O3 SO4 G . -26.95 19.71 -31.77
O4 SO4 G . -29.07 18.68 -32.15
C ACT H . -26.70 10.91 -17.45
O ACT H . -26.09 10.02 -18.08
OXT ACT H . -27.95 10.93 -17.59
CH3 ACT H . -25.99 11.89 -16.56
S SO4 I . -1.07 -0.74 0.54
O1 SO4 I . -1.64 -0.83 1.87
O2 SO4 I . -1.55 0.47 -0.12
O3 SO4 I . 0.39 -0.70 0.63
O4 SO4 I . -1.47 -1.91 -0.24
S SO4 J . -6.57 20.50 10.37
O1 SO4 J . -5.22 20.27 10.87
O2 SO4 J . -7.15 21.66 11.03
O3 SO4 J . -6.52 20.74 8.92
O4 SO4 J . -7.40 19.33 10.63
C ACT K . -3.13 10.49 25.36
O ACT K . -3.13 11.60 25.94
OXT ACT K . -3.45 10.50 24.16
CH3 ACT K . -2.76 9.22 26.09
S SO4 L . 24.44 5.98 39.24
O1 SO4 L . 23.08 6.43 38.99
O2 SO4 L . 24.87 5.08 38.17
O3 SO4 L . 25.31 7.15 39.28
O4 SO4 L . 24.51 5.26 40.51
S SO4 M . 35.13 16.61 20.65
O1 SO4 M . 35.29 17.39 21.88
O2 SO4 M . 33.78 16.81 20.12
O3 SO4 M . 36.10 17.05 19.67
O4 SO4 M . 35.33 15.19 20.93
C ACT N . 28.08 2.36 12.83
O ACT N . 29.23 2.28 12.34
OXT ACT N . 27.84 3.39 13.50
CH3 ACT N . 27.05 1.29 12.63
#